data_3E33
#
_entry.id   3E33
#
_cell.length_a   171.036
_cell.length_b   171.036
_cell.length_c   69.387
_cell.angle_alpha   90.00
_cell.angle_beta   90.00
_cell.angle_gamma   120.00
#
_symmetry.space_group_name_H-M   'P 61'
#
loop_
_entity.id
_entity.type
_entity.pdbx_description
1 polymer 'Protein farnesyltransferase/geranylgeranyltransferase type-1 subunit alpha'
2 polymer 'Protein farnesyltransferase subunit beta'
3 non-polymer 'ZINC ION'
4 non-polymer 'FARNESYL DIPHOSPHATE'
5 non-polymer N-benzyl-N-(2-{(4-cyanophenyl)[(1-methyl-1H-imidazol-5-yl)methyl]amino}ethyl)-2-methylbenzenesulfonamide
6 water water
#
loop_
_entity_poly.entity_id
_entity_poly.type
_entity_poly.pdbx_seq_one_letter_code
_entity_poly.pdbx_strand_id
1 'polypeptide(L)'
;MAATEGVGESAPGGEPGQPEQPPPPPPPPPAQQPQEEEMAAEAGEAAASPMDDGFLSLDSPTYVLYRDRAEWADIDPVPQ
NDGPSPVVQIIYSEKFRDVYDYFRAVLQRDERSERAFKLTRDAIELNAANYTVWHFRRVLLRSLQKDLQEEMNYIIAIIE
EQPKNYQVWHHRRVLVEWLKDPSQELEFIADILNQDAKNYHAWQHRQWVIQEFRLWDNELQYVDQLLKEDVRNNSVWNQR
HFVISNTTGYSDRAVLEREVQYTLEMIKLVPHNESAWNYLKGILQDRGLSRYPNLLNQLLDLQPSHSSPYLIAFLVDIYE
DMLENQCDNKEDILNKALELCEILAKEKDTIRKEYWRYIGRSLQSKHSRESDIPASV
;
A
2 'polypeptide(L)'
;MASSSSFTYYCPPSSSPVWSEPLYSLRPEHARERLQDDSVETVTSIEQAKVEEKIQEVFSSYKFNHLVPRLVLQREKHFH
YLKRGLRQLTDAYECLDASRPWLCYWILHSLELLDEPIPQIVATDVCQFLELCQSPDGGFGGGPGQYPHLAPTYAAVNAL
CIIGTEEAYNVINREKLLQYLYSLKQPDGSFLMHVGGEVDVRSAYCAASVASLTNIITPDLFEGTAEWIARCQNWEGGIG
GVPGMEAHGGYTFCGLAALVILKKERSLNLKSLLQWVTSRQMRFEGGFQGRCNKLVDGCYSFWQAGLLPLLHRALHAQGD
PALSMSHWMFHQQALQEYILMCCQCPAGGLLDKPGKSRDFYHTCYCLSGLSIAQHFGSGAMLHDVVMGVPENVLQPTHPV
YNIGPDKVIQATTHFLQKPVPGFEECEDAVTSDPATD
;
B
#
loop_
_chem_comp.id
_chem_comp.type
_chem_comp.name
_chem_comp.formula
ED7 non-polymer N-benzyl-N-(2-{(4-cyanophenyl)[(1-methyl-1H-imidazol-5-yl)methyl]amino}ethyl)-2-methylbenzenesulfonamide 'C28 H29 N5 O2 S'
FPP non-polymer 'FARNESYL DIPHOSPHATE' 'C15 H28 O7 P2'
ZN non-polymer 'ZINC ION' 'Zn 2'
#
# COMPACT_ATOMS: atom_id res chain seq x y z
N PHE A 55 -32.72 -18.63 4.03
CA PHE A 55 -33.82 -19.06 3.12
C PHE A 55 -33.27 -19.55 1.79
N LEU A 56 -33.33 -18.71 0.76
CA LEU A 56 -32.88 -19.11 -0.57
C LEU A 56 -31.45 -18.63 -0.89
N SER A 57 -30.50 -19.52 -0.73
CA SER A 57 -29.10 -19.20 -1.01
C SER A 57 -28.86 -18.71 -2.44
N LEU A 58 -27.97 -17.74 -2.55
CA LEU A 58 -27.61 -17.18 -3.85
C LEU A 58 -27.09 -18.24 -4.81
N ASP A 59 -26.48 -19.29 -4.28
CA ASP A 59 -25.94 -20.37 -5.10
C ASP A 59 -26.84 -21.61 -5.16
N SER A 60 -28.04 -21.50 -4.61
CA SER A 60 -29.01 -22.59 -4.68
C SER A 60 -29.38 -22.95 -6.12
N PRO A 61 -29.49 -24.25 -6.44
CA PRO A 61 -29.96 -24.57 -7.79
C PRO A 61 -31.35 -24.01 -8.05
N THR A 62 -32.15 -23.85 -6.99
CA THR A 62 -33.52 -23.34 -7.11
C THR A 62 -33.67 -21.85 -6.77
N TYR A 63 -32.53 -21.14 -6.70
CA TYR A 63 -32.58 -19.68 -6.60
C TYR A 63 -33.46 -19.09 -7.70
N VAL A 64 -34.27 -18.11 -7.37
CA VAL A 64 -35.09 -17.42 -8.35
C VAL A 64 -34.84 -15.91 -8.28
N LEU A 65 -34.86 -15.23 -9.42
CA LEU A 65 -34.69 -13.78 -9.43
C LEU A 65 -35.76 -13.09 -8.58
N TYR A 66 -35.41 -11.94 -7.98
CA TYR A 66 -36.36 -11.18 -7.22
C TYR A 66 -37.56 -10.70 -8.04
N ARG A 67 -37.34 -10.37 -9.31
CA ARG A 67 -38.47 -9.98 -10.16
C ARG A 67 -39.45 -11.15 -10.37
N ASP A 68 -39.08 -12.37 -9.96
CA ASP A 68 -39.98 -13.53 -10.11
C ASP A 68 -40.55 -14.01 -8.79
N ARG A 69 -40.28 -13.27 -7.71
CA ARG A 69 -40.72 -13.71 -6.40
C ARG A 69 -42.05 -13.07 -6.02
N ALA A 70 -43.02 -13.89 -5.65
CA ALA A 70 -44.36 -13.41 -5.29
C ALA A 70 -44.36 -12.35 -4.18
N GLU A 71 -43.56 -12.60 -3.15
CA GLU A 71 -43.52 -11.73 -1.99
C GLU A 71 -42.83 -10.38 -2.26
N TRP A 72 -42.35 -10.16 -3.48
CA TRP A 72 -41.74 -8.86 -3.83
C TRP A 72 -42.58 -8.11 -4.86
N ALA A 73 -43.75 -8.67 -5.18
CA ALA A 73 -44.57 -8.15 -6.27
C ALA A 73 -44.97 -6.69 -6.09
N ASP A 74 -45.13 -6.24 -4.85
CA ASP A 74 -45.58 -4.88 -4.57
C ASP A 74 -44.53 -3.81 -4.86
N ILE A 75 -43.27 -4.22 -4.94
CA ILE A 75 -42.15 -3.29 -5.09
C ILE A 75 -41.72 -3.12 -6.53
N ASP A 76 -41.58 -1.87 -6.96
CA ASP A 76 -40.98 -1.61 -8.25
C ASP A 76 -39.47 -1.51 -8.06
N PRO A 77 -38.72 -2.31 -8.82
CA PRO A 77 -37.27 -2.21 -8.72
C PRO A 77 -36.81 -0.86 -9.25
N VAL A 78 -35.62 -0.44 -8.82
CA VAL A 78 -35.07 0.86 -9.19
C VAL A 78 -33.79 0.68 -9.98
N PRO A 79 -33.86 0.89 -11.31
CA PRO A 79 -32.70 0.77 -12.18
C PRO A 79 -31.60 1.72 -11.75
N GLN A 80 -30.36 1.31 -11.97
CA GLN A 80 -29.26 2.21 -11.67
C GLN A 80 -29.29 3.40 -12.62
N ASN A 81 -29.05 4.57 -12.07
CA ASN A 81 -29.07 5.80 -12.85
C ASN A 81 -27.67 6.18 -13.33
N ASP A 82 -27.24 5.61 -14.45
CA ASP A 82 -25.89 5.84 -14.97
C ASP A 82 -25.82 7.02 -15.95
N GLY A 83 -26.96 7.63 -16.25
CA GLY A 83 -26.99 8.78 -17.16
C GLY A 83 -27.14 8.39 -18.64
N PRO A 84 -27.32 9.40 -19.50
CA PRO A 84 -27.55 9.18 -20.95
C PRO A 84 -26.36 8.58 -21.70
N SER A 85 -25.13 8.90 -21.31
CA SER A 85 -23.95 8.30 -21.95
C SER A 85 -22.90 7.82 -20.95
N PRO A 86 -23.08 6.59 -20.46
CA PRO A 86 -22.32 6.00 -19.35
C PRO A 86 -20.82 5.90 -19.57
N VAL A 87 -20.06 5.95 -18.48
CA VAL A 87 -18.65 5.58 -18.51
C VAL A 87 -18.40 4.47 -17.49
N VAL A 88 -17.33 3.71 -17.68
CA VAL A 88 -17.01 2.56 -16.82
C VAL A 88 -18.26 1.78 -16.47
N GLN A 89 -19.09 1.54 -17.48
CA GLN A 89 -20.36 0.85 -17.27
C GLN A 89 -20.14 -0.65 -17.24
N ILE A 90 -20.50 -1.26 -16.12
CA ILE A 90 -20.29 -2.67 -15.93
C ILE A 90 -21.47 -3.44 -16.50
N ILE A 91 -21.19 -4.40 -17.36
CA ILE A 91 -22.26 -5.22 -17.91
C ILE A 91 -22.58 -6.33 -16.94
N TYR A 92 -23.43 -6.00 -15.97
CA TYR A 92 -23.74 -6.89 -14.88
C TYR A 92 -24.41 -8.16 -15.37
N SER A 93 -24.18 -9.26 -14.66
CA SER A 93 -24.96 -10.46 -14.86
C SER A 93 -26.43 -10.17 -14.51
N GLU A 94 -27.33 -11.01 -15.02
CA GLU A 94 -28.74 -10.90 -14.68
C GLU A 94 -28.98 -10.92 -13.18
N LYS A 95 -28.38 -11.89 -12.51
CA LYS A 95 -28.59 -12.07 -11.07
C LYS A 95 -28.15 -10.85 -10.29
N PHE A 96 -27.01 -10.29 -10.69
CA PHE A 96 -26.45 -9.13 -10.01
C PHE A 96 -27.37 -7.92 -10.17
N ARG A 97 -27.76 -7.63 -11.40
CA ARG A 97 -28.57 -6.45 -11.65
C ARG A 97 -29.93 -6.57 -10.97
N ASP A 98 -30.49 -7.77 -10.97
CA ASP A 98 -31.77 -8.02 -10.32
C ASP A 98 -31.70 -7.73 -8.79
N VAL A 99 -30.72 -8.30 -8.11
CA VAL A 99 -30.58 -8.04 -6.67
C VAL A 99 -30.42 -6.54 -6.38
N TYR A 100 -29.60 -5.87 -7.17
CA TYR A 100 -29.27 -4.48 -6.86
C TYR A 100 -30.37 -3.51 -7.26
N ASP A 101 -31.18 -3.89 -8.25
CA ASP A 101 -32.35 -3.09 -8.58
C ASP A 101 -33.33 -3.11 -7.42
N TYR A 102 -33.46 -4.26 -6.78
CA TYR A 102 -34.36 -4.37 -5.63
C TYR A 102 -33.73 -3.72 -4.40
N PHE A 103 -32.42 -3.86 -4.28
CA PHE A 103 -31.74 -3.18 -3.16
C PHE A 103 -31.92 -1.66 -3.27
N ARG A 104 -31.74 -1.12 -4.46
CA ARG A 104 -31.95 0.32 -4.65
C ARG A 104 -33.36 0.74 -4.25
N ALA A 105 -34.33 -0.12 -4.53
CA ALA A 105 -35.72 0.16 -4.17
C ALA A 105 -35.92 0.20 -2.65
N VAL A 106 -35.39 -0.78 -1.92
CA VAL A 106 -35.62 -0.78 -0.48
C VAL A 106 -34.82 0.34 0.22
N LEU A 107 -33.65 0.65 -0.32
CA LEU A 107 -32.84 1.73 0.24
C LEU A 107 -33.56 3.07 0.05
N GLN A 108 -34.04 3.29 -1.16
CA GLN A 108 -34.72 4.52 -1.50
C GLN A 108 -35.93 4.75 -0.61
N ARG A 109 -36.70 3.70 -0.36
CA ARG A 109 -37.90 3.80 0.47
C ARG A 109 -37.57 3.73 1.95
N ASP A 110 -36.33 3.38 2.27
CA ASP A 110 -35.94 3.08 3.66
C ASP A 110 -36.87 2.05 4.28
N GLU A 111 -37.10 0.95 3.56
CA GLU A 111 -37.95 -0.12 4.07
C GLU A 111 -37.17 -0.99 5.05
N ARG A 112 -37.53 -0.92 6.32
CA ARG A 112 -36.83 -1.69 7.34
C ARG A 112 -37.63 -2.94 7.67
N SER A 113 -37.45 -3.97 6.84
CA SER A 113 -38.26 -5.16 6.92
C SER A 113 -37.38 -6.39 6.92
N GLU A 114 -37.95 -7.50 7.35
CA GLU A 114 -37.28 -8.77 7.27
C GLU A 114 -36.88 -9.12 5.84
N ARG A 115 -37.76 -8.86 4.87
CA ARG A 115 -37.41 -9.18 3.48
C ARG A 115 -36.22 -8.31 2.99
N ALA A 116 -36.16 -7.05 3.41
CA ALA A 116 -35.02 -6.21 3.03
C ALA A 116 -33.73 -6.73 3.68
N PHE A 117 -33.83 -7.20 4.91
CA PHE A 117 -32.67 -7.74 5.61
C PHE A 117 -32.10 -8.95 4.88
N LYS A 118 -32.98 -9.88 4.50
CA LYS A 118 -32.54 -11.04 3.71
C LYS A 118 -31.96 -10.66 2.36
N LEU A 119 -32.51 -9.63 1.74
CA LEU A 119 -31.98 -9.14 0.48
C LEU A 119 -30.53 -8.60 0.62
N THR A 120 -30.23 -7.95 1.75
CA THR A 120 -28.85 -7.46 1.91
C THR A 120 -27.85 -8.60 1.90
N ARG A 121 -28.24 -9.77 2.41
CA ARG A 121 -27.35 -10.93 2.40
C ARG A 121 -26.95 -11.29 0.97
N ASP A 122 -27.91 -11.25 0.06
CA ASP A 122 -27.61 -11.53 -1.35
C ASP A 122 -26.77 -10.41 -1.99
N ALA A 123 -27.10 -9.17 -1.71
CA ALA A 123 -26.32 -8.05 -2.26
C ALA A 123 -24.85 -8.14 -1.80
N ILE A 124 -24.66 -8.52 -0.54
CA ILE A 124 -23.31 -8.66 0.02
C ILE A 124 -22.56 -9.81 -0.63
N GLU A 125 -23.24 -10.93 -0.82
CA GLU A 125 -22.63 -12.09 -1.44
C GLU A 125 -22.17 -11.72 -2.86
N LEU A 126 -22.95 -10.90 -3.55
CA LEU A 126 -22.62 -10.51 -4.92
C LEU A 126 -21.48 -9.50 -5.00
N ASN A 127 -21.41 -8.62 -4.00
CA ASN A 127 -20.29 -7.68 -3.90
C ASN A 127 -20.07 -7.29 -2.43
N ALA A 128 -19.21 -8.01 -1.76
CA ALA A 128 -18.99 -7.82 -0.34
C ALA A 128 -18.28 -6.50 -0.06
N ALA A 129 -17.77 -5.84 -1.09
CA ALA A 129 -17.15 -4.52 -0.88
C ALA A 129 -18.14 -3.37 -0.96
N ASN A 130 -19.43 -3.68 -1.15
CA ASN A 130 -20.42 -2.60 -1.20
C ASN A 130 -20.75 -2.08 0.21
N TYR A 131 -20.09 -0.99 0.59
CA TYR A 131 -20.16 -0.52 1.96
C TYR A 131 -21.53 0.09 2.26
N THR A 132 -22.24 0.57 1.22
CA THR A 132 -23.60 1.09 1.38
C THR A 132 -24.56 -0.02 1.82
N VAL A 133 -24.44 -1.19 1.21
CA VAL A 133 -25.24 -2.34 1.62
C VAL A 133 -24.94 -2.71 3.06
N TRP A 134 -23.66 -2.76 3.44
CA TRP A 134 -23.33 -3.07 4.83
C TRP A 134 -23.93 -2.06 5.82
N HIS A 135 -23.92 -0.79 5.45
CA HIS A 135 -24.48 0.24 6.33
C HIS A 135 -25.98 0.00 6.55
N PHE A 136 -26.68 -0.27 5.46
CA PHE A 136 -28.11 -0.52 5.55
C PHE A 136 -28.37 -1.80 6.33
N ARG A 137 -27.53 -2.82 6.17
CA ARG A 137 -27.72 -4.05 6.93
C ARG A 137 -27.61 -3.77 8.42
N ARG A 138 -26.67 -2.91 8.81
CA ARG A 138 -26.54 -2.57 10.23
C ARG A 138 -27.72 -1.72 10.75
N VAL A 139 -28.22 -0.81 9.93
CA VAL A 139 -29.49 -0.12 10.26
C VAL A 139 -30.60 -1.14 10.56
N LEU A 140 -30.74 -2.12 9.68
CA LEU A 140 -31.76 -3.18 9.86
C LEU A 140 -31.53 -4.06 11.10
N LEU A 141 -30.28 -4.38 11.39
CA LEU A 141 -29.99 -5.19 12.58
C LEU A 141 -30.56 -4.54 13.84
N ARG A 142 -30.40 -3.22 13.92
CA ARG A 142 -30.83 -2.48 15.10
C ARG A 142 -32.35 -2.25 15.03
N SER A 143 -32.85 -1.80 13.89
CA SER A 143 -34.29 -1.53 13.73
C SER A 143 -35.17 -2.75 13.93
N LEU A 144 -34.74 -3.88 13.42
CA LEU A 144 -35.50 -5.11 13.53
C LEU A 144 -35.19 -5.87 14.81
N GLN A 145 -34.23 -5.38 15.58
CA GLN A 145 -33.81 -6.09 16.80
C GLN A 145 -33.43 -7.53 16.51
N LYS A 146 -32.58 -7.72 15.51
CA LYS A 146 -32.10 -9.05 15.17
C LYS A 146 -31.13 -9.56 16.22
N ASP A 147 -31.21 -10.86 16.49
CA ASP A 147 -30.27 -11.53 17.36
C ASP A 147 -28.82 -11.35 16.85
N LEU A 148 -27.96 -10.71 17.64
CA LEU A 148 -26.60 -10.40 17.20
C LEU A 148 -25.65 -11.60 17.24
N GLN A 149 -25.95 -12.64 18.01
CA GLN A 149 -25.12 -13.85 17.96
C GLN A 149 -25.39 -14.64 16.68
N GLU A 150 -26.61 -14.58 16.18
CA GLU A 150 -26.93 -15.16 14.88
C GLU A 150 -26.14 -14.40 13.79
N GLU A 151 -26.03 -13.09 13.95
CA GLU A 151 -25.30 -12.28 12.97
C GLU A 151 -23.78 -12.56 13.11
N MET A 152 -23.32 -12.82 14.34
CA MET A 152 -21.91 -13.25 14.49
C MET A 152 -21.67 -14.56 13.73
N ASN A 153 -22.63 -15.47 13.76
CA ASN A 153 -22.48 -16.73 13.03
C ASN A 153 -22.39 -16.44 11.55
N TYR A 154 -23.20 -15.51 11.09
CA TYR A 154 -23.20 -15.10 9.69
C TYR A 154 -21.84 -14.49 9.28
N ILE A 155 -21.34 -13.55 10.06
CA ILE A 155 -20.12 -12.86 9.66
C ILE A 155 -18.93 -13.81 9.72
N ILE A 156 -18.92 -14.76 10.65
CA ILE A 156 -17.81 -15.71 10.67
C ILE A 156 -17.77 -16.56 9.39
N ALA A 157 -18.94 -16.98 8.91
CA ALA A 157 -19.02 -17.72 7.65
C ALA A 157 -18.56 -16.87 6.45
N ILE A 158 -19.02 -15.63 6.36
CA ILE A 158 -18.63 -14.73 5.27
C ILE A 158 -17.11 -14.43 5.28
N ILE A 159 -16.56 -14.16 6.46
CA ILE A 159 -15.14 -13.88 6.54
C ILE A 159 -14.31 -15.09 6.13
N GLU A 160 -14.72 -16.27 6.58
CA GLU A 160 -14.06 -17.52 6.16
C GLU A 160 -13.96 -17.62 4.63
N GLU A 161 -15.01 -17.21 3.93
CA GLU A 161 -15.00 -17.31 2.46
C GLU A 161 -14.36 -16.13 1.74
N GLN A 162 -14.42 -14.93 2.32
CA GLN A 162 -13.83 -13.75 1.70
C GLN A 162 -13.04 -12.93 2.72
N PRO A 163 -11.89 -13.46 3.19
CA PRO A 163 -11.16 -12.81 4.29
C PRO A 163 -10.35 -11.57 3.88
N LYS A 164 -10.22 -11.32 2.59
CA LYS A 164 -9.45 -10.16 2.11
C LYS A 164 -10.37 -9.03 1.70
N ASN A 165 -11.02 -8.45 2.70
CA ASN A 165 -12.07 -7.49 2.43
C ASN A 165 -12.18 -6.63 3.70
N TYR A 166 -12.16 -5.30 3.56
CA TYR A 166 -12.26 -4.42 4.73
C TYR A 166 -13.64 -4.45 5.40
N GLN A 167 -14.70 -4.54 4.58
CA GLN A 167 -16.07 -4.38 5.10
C GLN A 167 -16.43 -5.49 6.07
N VAL A 168 -16.04 -6.73 5.75
CA VAL A 168 -16.43 -7.86 6.59
C VAL A 168 -15.81 -7.81 7.98
N TRP A 169 -14.55 -7.40 8.05
CA TRP A 169 -13.87 -7.29 9.33
C TRP A 169 -14.41 -6.10 10.14
N HIS A 170 -14.67 -4.98 9.49
CA HIS A 170 -15.28 -3.88 10.20
C HIS A 170 -16.66 -4.26 10.77
N HIS A 171 -17.45 -4.98 9.99
CA HIS A 171 -18.75 -5.45 10.48
C HIS A 171 -18.59 -6.30 11.75
N ARG A 172 -17.63 -7.21 11.73
CA ARG A 172 -17.40 -8.08 12.87
C ARG A 172 -17.00 -7.24 14.10
N ARG A 173 -16.16 -6.24 13.89
CA ARG A 173 -15.77 -5.36 14.97
C ARG A 173 -16.99 -4.64 15.56
N VAL A 174 -17.87 -4.14 14.71
CA VAL A 174 -19.06 -3.46 15.19
C VAL A 174 -19.90 -4.42 16.05
N LEU A 175 -20.01 -5.67 15.60
CA LEU A 175 -20.80 -6.65 16.37
C LEU A 175 -20.19 -6.91 17.74
N VAL A 176 -18.88 -7.04 17.78
CA VAL A 176 -18.21 -7.31 19.06
C VAL A 176 -18.40 -6.11 19.99
N GLU A 177 -18.26 -4.90 19.45
CA GLU A 177 -18.52 -3.68 20.21
C GLU A 177 -19.95 -3.65 20.77
N TRP A 178 -20.92 -3.93 19.91
CA TRP A 178 -22.32 -3.93 20.34
C TRP A 178 -22.58 -4.95 21.45
N LEU A 179 -22.05 -6.15 21.29
CA LEU A 179 -22.28 -7.23 22.26
C LEU A 179 -21.37 -7.12 23.49
N LYS A 180 -20.33 -6.32 23.38
CA LYS A 180 -19.28 -6.25 24.39
C LYS A 180 -18.79 -7.64 24.75
N ASP A 181 -18.60 -8.48 23.73
CA ASP A 181 -18.24 -9.88 23.95
C ASP A 181 -17.12 -10.30 23.01
N PRO A 182 -15.89 -10.41 23.55
CA PRO A 182 -14.74 -10.76 22.74
C PRO A 182 -14.42 -12.24 22.80
N SER A 183 -15.30 -13.04 23.39
CA SER A 183 -14.95 -14.39 23.79
C SER A 183 -14.76 -15.39 22.65
N GLN A 184 -15.31 -15.08 21.47
CA GLN A 184 -15.07 -15.95 20.30
C GLN A 184 -13.87 -15.51 19.46
N GLU A 185 -13.31 -14.33 19.73
CA GLU A 185 -12.45 -13.65 18.76
C GLU A 185 -11.10 -14.30 18.50
N LEU A 186 -10.37 -14.63 19.56
CA LEU A 186 -9.02 -15.12 19.37
C LEU A 186 -9.00 -16.47 18.67
N GLU A 187 -9.98 -17.33 18.99
CA GLU A 187 -10.06 -18.62 18.36
C GLU A 187 -10.50 -18.47 16.91
N PHE A 188 -11.44 -17.56 16.66
CA PHE A 188 -11.87 -17.32 15.28
C PHE A 188 -10.70 -16.81 14.44
N ILE A 189 -10.04 -15.76 14.91
CA ILE A 189 -8.92 -15.21 14.18
C ILE A 189 -7.84 -16.28 13.97
N ALA A 190 -7.59 -17.11 14.99
CA ALA A 190 -6.60 -18.18 14.84
C ALA A 190 -6.93 -19.11 13.67
N ASP A 191 -8.21 -19.34 13.43
CA ASP A 191 -8.62 -20.22 12.35
C ASP A 191 -8.36 -19.55 10.99
N ILE A 192 -8.62 -18.26 10.91
CA ILE A 192 -8.31 -17.53 9.67
C ILE A 192 -6.79 -17.55 9.40
N LEU A 193 -6.00 -17.38 10.46
CA LEU A 193 -4.54 -17.34 10.33
C LEU A 193 -3.96 -18.72 10.03
N ASN A 194 -4.70 -19.76 10.37
CA ASN A 194 -4.31 -21.10 10.00
C ASN A 194 -4.38 -21.32 8.50
N GLN A 195 -5.21 -20.53 7.81
CA GLN A 195 -5.34 -20.61 6.34
C GLN A 195 -4.45 -19.60 5.62
N ASP A 196 -4.30 -18.41 6.20
CA ASP A 196 -3.39 -17.37 5.67
C ASP A 196 -2.75 -16.65 6.85
N ALA A 197 -1.51 -17.05 7.16
CA ALA A 197 -0.87 -16.62 8.40
C ALA A 197 -0.45 -15.16 8.33
N LYS A 198 -0.67 -14.53 7.18
CA LYS A 198 -0.25 -13.15 6.98
C LYS A 198 -1.40 -12.18 6.68
N ASN A 199 -2.63 -12.65 6.85
CA ASN A 199 -3.79 -11.83 6.51
C ASN A 199 -3.78 -10.55 7.32
N TYR A 200 -3.66 -9.42 6.62
CA TYR A 200 -3.43 -8.14 7.31
C TYR A 200 -4.63 -7.72 8.18
N HIS A 201 -5.84 -7.90 7.64
CA HIS A 201 -7.05 -7.56 8.38
C HIS A 201 -7.18 -8.40 9.64
N ALA A 202 -6.82 -9.68 9.54
CA ALA A 202 -6.93 -10.60 10.68
C ALA A 202 -5.98 -10.18 11.81
N TRP A 203 -4.73 -9.86 11.46
CA TRP A 203 -3.80 -9.38 12.50
C TRP A 203 -4.29 -8.07 13.10
N GLN A 204 -4.82 -7.19 12.27
CA GLN A 204 -5.32 -5.89 12.75
C GLN A 204 -6.48 -6.07 13.74
N HIS A 205 -7.40 -7.00 13.42
CA HIS A 205 -8.54 -7.24 14.28
C HIS A 205 -8.04 -7.86 15.59
N ARG A 206 -7.04 -8.74 15.47
CA ARG A 206 -6.48 -9.39 16.63
C ARG A 206 -5.87 -8.34 17.59
N GLN A 207 -5.12 -7.38 17.05
CA GLN A 207 -4.56 -6.34 17.90
C GLN A 207 -5.65 -5.49 18.58
N TRP A 208 -6.70 -5.17 17.83
CA TRP A 208 -7.77 -4.38 18.38
C TRP A 208 -8.45 -5.13 19.54
N VAL A 209 -8.80 -6.39 19.30
CA VAL A 209 -9.44 -7.22 20.33
C VAL A 209 -8.59 -7.32 21.61
N ILE A 210 -7.31 -7.64 21.43
CA ILE A 210 -6.40 -7.79 22.55
C ILE A 210 -6.27 -6.49 23.35
N GLN A 211 -6.06 -5.40 22.65
CA GLN A 211 -5.87 -4.11 23.29
C GLN A 211 -7.14 -3.62 23.96
N GLU A 212 -8.26 -3.66 23.25
CA GLU A 212 -9.51 -3.15 23.77
C GLU A 212 -10.06 -3.96 24.95
N PHE A 213 -9.91 -5.28 24.90
CA PHE A 213 -10.43 -6.15 25.97
C PHE A 213 -9.36 -6.66 26.93
N ARG A 214 -8.15 -6.14 26.79
CA ARG A 214 -7.01 -6.54 27.62
C ARG A 214 -6.80 -8.05 27.66
N LEU A 215 -6.60 -8.66 26.50
CA LEU A 215 -6.46 -10.10 26.44
C LEU A 215 -5.02 -10.48 26.13
N TRP A 216 -4.10 -9.99 26.96
CA TRP A 216 -2.67 -10.08 26.66
C TRP A 216 -2.05 -11.41 27.09
N ASP A 217 -2.67 -12.08 28.06
CA ASP A 217 -2.02 -13.18 28.79
C ASP A 217 -1.46 -14.33 27.96
N ASN A 218 -2.13 -14.71 26.88
CA ASN A 218 -1.70 -15.89 26.12
C ASN A 218 -1.04 -15.60 24.77
N GLU A 219 -0.88 -14.33 24.41
CA GLU A 219 -0.51 -14.00 23.03
C GLU A 219 0.96 -14.27 22.72
N LEU A 220 1.83 -14.11 23.73
CA LEU A 220 3.24 -14.42 23.50
C LEU A 220 3.37 -15.90 23.17
N GLN A 221 2.60 -16.72 23.86
CA GLN A 221 2.58 -18.14 23.60
C GLN A 221 2.13 -18.42 22.16
N TYR A 222 1.11 -17.70 21.71
CA TYR A 222 0.59 -17.89 20.36
C TYR A 222 1.66 -17.48 19.34
N VAL A 223 2.32 -16.37 19.60
CA VAL A 223 3.39 -15.88 18.73
C VAL A 223 4.50 -16.92 18.57
N ASP A 224 4.89 -17.51 19.70
CA ASP A 224 5.96 -18.52 19.69
C ASP A 224 5.55 -19.72 18.87
N GLN A 225 4.28 -20.09 18.95
CA GLN A 225 3.75 -21.19 18.14
C GLN A 225 3.91 -20.88 16.64
N LEU A 226 3.51 -19.67 16.24
CA LEU A 226 3.57 -19.30 14.81
C LEU A 226 4.99 -19.11 14.31
N LEU A 227 5.89 -18.64 15.16
CA LEU A 227 7.29 -18.50 14.77
C LEU A 227 7.91 -19.88 14.55
N LYS A 228 7.42 -20.88 15.28
CA LYS A 228 7.87 -22.26 15.08
C LYS A 228 7.41 -22.79 13.73
N GLU A 229 6.19 -22.45 13.35
CA GLU A 229 5.67 -22.88 12.06
C GLU A 229 6.37 -22.19 10.90
N ASP A 230 6.60 -20.89 11.04
CA ASP A 230 7.26 -20.13 9.99
C ASP A 230 8.00 -18.95 10.58
N VAL A 231 9.29 -19.16 10.83
CA VAL A 231 10.10 -18.14 11.45
C VAL A 231 10.30 -16.96 10.53
N ARG A 232 9.90 -17.10 9.27
CA ARG A 232 10.01 -15.96 8.35
C ARG A 232 8.75 -15.10 8.30
N ASN A 233 7.76 -15.43 9.12
CA ASN A 233 6.49 -14.70 9.07
C ASN A 233 6.60 -13.34 9.74
N ASN A 234 6.76 -12.29 8.94
CA ASN A 234 6.96 -10.95 9.48
C ASN A 234 5.78 -10.41 10.31
N SER A 235 4.55 -10.84 9.97
CA SER A 235 3.39 -10.42 10.73
C SER A 235 3.53 -10.89 12.17
N VAL A 236 4.16 -12.05 12.35
CA VAL A 236 4.29 -12.65 13.66
C VAL A 236 5.38 -11.95 14.47
N TRP A 237 6.48 -11.60 13.82
CA TRP A 237 7.49 -10.77 14.48
C TRP A 237 6.89 -9.42 14.89
N ASN A 238 6.03 -8.88 14.04
CA ASN A 238 5.35 -7.65 14.40
C ASN A 238 4.47 -7.85 15.62
N GLN A 239 3.77 -8.97 15.66
CA GLN A 239 2.90 -9.25 16.79
C GLN A 239 3.72 -9.44 18.08
N ARG A 240 4.89 -10.03 17.93
CA ARG A 240 5.78 -10.19 19.08
C ARG A 240 6.10 -8.81 19.66
N HIS A 241 6.48 -7.87 18.80
CA HIS A 241 6.83 -6.54 19.28
C HIS A 241 5.61 -5.86 19.92
N PHE A 242 4.46 -6.01 19.27
CA PHE A 242 3.23 -5.44 19.79
C PHE A 242 2.94 -5.94 21.20
N VAL A 243 3.11 -7.24 21.43
CA VAL A 243 2.80 -7.82 22.73
C VAL A 243 3.77 -7.36 23.82
N ILE A 244 5.07 -7.46 23.53
CA ILE A 244 6.07 -7.05 24.50
C ILE A 244 5.98 -5.57 24.83
N SER A 245 5.87 -4.73 23.79
CA SER A 245 5.76 -3.28 23.98
C SER A 245 4.64 -2.89 24.93
N ASN A 246 3.55 -3.63 24.87
CA ASN A 246 2.36 -3.25 25.62
C ASN A 246 2.20 -3.97 26.95
N THR A 247 3.12 -4.89 27.27
CA THR A 247 3.08 -5.61 28.52
C THR A 247 4.28 -5.23 29.41
N THR A 248 5.42 -5.88 29.22
CA THR A 248 6.62 -5.56 30.00
C THR A 248 7.35 -4.33 29.47
N GLY A 249 7.24 -4.08 28.17
CA GLY A 249 8.06 -3.05 27.55
C GLY A 249 9.45 -3.64 27.31
N TYR A 250 10.31 -2.89 26.64
CA TYR A 250 11.63 -3.38 26.31
C TYR A 250 12.73 -2.76 27.18
N SER A 251 12.35 -1.91 28.13
CA SER A 251 13.36 -1.28 28.99
C SER A 251 13.82 -2.20 30.10
N ASP A 252 12.97 -3.15 30.46
CA ASP A 252 13.34 -4.18 31.40
C ASP A 252 14.51 -4.99 30.82
N ARG A 253 15.68 -4.89 31.47
CA ARG A 253 16.89 -5.51 30.94
C ARG A 253 16.81 -7.01 30.77
N ALA A 254 16.08 -7.67 31.66
CA ALA A 254 15.93 -9.12 31.53
C ALA A 254 15.15 -9.45 30.25
N VAL A 255 14.10 -8.66 29.98
CA VAL A 255 13.30 -8.88 28.77
C VAL A 255 14.11 -8.63 27.51
N LEU A 256 14.76 -7.49 27.42
CA LEU A 256 15.57 -7.14 26.26
C LEU A 256 16.62 -8.19 26.02
N GLU A 257 17.23 -8.66 27.08
CA GLU A 257 18.26 -9.68 26.98
C GLU A 257 17.68 -10.96 26.39
N ARG A 258 16.57 -11.40 26.95
CA ARG A 258 15.87 -12.59 26.47
C ARG A 258 15.56 -12.46 24.99
N GLU A 259 15.11 -11.29 24.57
CA GLU A 259 14.67 -11.08 23.20
C GLU A 259 15.84 -11.07 22.22
N VAL A 260 16.92 -10.42 22.61
CA VAL A 260 18.11 -10.42 21.78
C VAL A 260 18.71 -11.84 21.65
N GLN A 261 18.82 -12.58 22.75
CA GLN A 261 19.35 -13.95 22.67
C GLN A 261 18.48 -14.81 21.75
N TYR A 262 17.17 -14.70 21.92
CA TYR A 262 16.23 -15.46 21.10
C TYR A 262 16.43 -15.13 19.62
N THR A 263 16.51 -13.83 19.32
CA THR A 263 16.66 -13.37 17.94
C THR A 263 17.99 -13.83 17.33
N LEU A 264 19.08 -13.67 18.08
CA LEU A 264 20.37 -14.20 17.65
C LEU A 264 20.31 -15.70 17.38
N GLU A 265 19.56 -16.42 18.19
CA GLU A 265 19.41 -17.86 18.00
C GLU A 265 18.66 -18.17 16.69
N MET A 266 17.68 -17.35 16.35
CA MET A 266 16.93 -17.56 15.11
C MET A 266 17.78 -17.16 13.92
N ILE A 267 18.57 -16.10 14.08
CA ILE A 267 19.48 -15.67 13.03
C ILE A 267 20.51 -16.78 12.71
N LYS A 268 20.98 -17.45 13.76
CA LYS A 268 21.94 -18.54 13.57
C LYS A 268 21.30 -19.71 12.83
N LEU A 269 20.03 -19.97 13.09
CA LEU A 269 19.33 -21.08 12.44
C LEU A 269 19.00 -20.77 10.99
N VAL A 270 18.65 -19.51 10.71
CA VAL A 270 18.25 -19.08 9.36
C VAL A 270 18.86 -17.72 9.08
N PRO A 271 20.17 -17.70 8.75
CA PRO A 271 20.91 -16.44 8.62
C PRO A 271 20.41 -15.48 7.54
N HIS A 272 19.69 -15.98 6.53
CA HIS A 272 19.18 -15.10 5.48
C HIS A 272 17.71 -14.69 5.69
N ASN A 273 17.17 -14.98 6.87
CA ASN A 273 15.82 -14.52 7.20
C ASN A 273 15.78 -13.06 7.63
N GLU A 274 15.32 -12.18 6.75
CA GLU A 274 15.35 -10.74 7.01
C GLU A 274 14.50 -10.29 8.21
N SER A 275 13.43 -11.03 8.52
CA SER A 275 12.56 -10.61 9.63
C SER A 275 13.28 -10.55 10.99
N ALA A 276 14.00 -11.62 11.31
CA ALA A 276 14.80 -11.66 12.54
C ALA A 276 15.81 -10.51 12.57
N TRP A 277 16.47 -10.25 11.46
CA TRP A 277 17.44 -9.14 11.41
C TRP A 277 16.77 -7.80 11.69
N ASN A 278 15.59 -7.58 11.09
CA ASN A 278 14.86 -6.34 11.32
C ASN A 278 14.36 -6.18 12.76
N TYR A 279 13.97 -7.28 13.38
CA TYR A 279 13.52 -7.26 14.76
C TYR A 279 14.68 -6.92 15.72
N LEU A 280 15.81 -7.57 15.52
CA LEU A 280 17.02 -7.25 16.31
C LEU A 280 17.34 -5.75 16.24
N LYS A 281 17.38 -5.21 15.03
CA LYS A 281 17.62 -3.78 14.84
C LYS A 281 16.52 -2.91 15.46
N GLY A 282 15.28 -3.34 15.28
CA GLY A 282 14.15 -2.59 15.80
C GLY A 282 14.15 -2.42 17.31
N ILE A 283 14.53 -3.46 18.05
CA ILE A 283 14.45 -3.39 19.51
C ILE A 283 15.70 -2.74 20.15
N LEU A 284 16.74 -2.54 19.36
CA LEU A 284 17.98 -1.92 19.87
C LEU A 284 18.21 -0.48 19.41
N GLN A 285 17.62 -0.12 18.28
CA GLN A 285 17.98 1.12 17.57
C GLN A 285 17.58 2.44 18.24
N ASP A 286 16.49 2.44 19.01
CA ASP A 286 16.04 3.70 19.59
C ASP A 286 16.95 4.14 20.75
N ARG A 287 17.47 3.15 21.48
CA ARG A 287 18.47 3.44 22.50
C ARG A 287 19.82 3.72 21.86
N GLY A 288 20.05 3.13 20.68
CA GLY A 288 21.28 3.38 19.94
C GLY A 288 22.14 2.13 19.94
N LEU A 289 22.45 1.62 18.75
CA LEU A 289 23.22 0.39 18.63
C LEU A 289 24.57 0.45 19.34
N SER A 290 25.19 1.62 19.36
CA SER A 290 26.53 1.77 19.98
C SER A 290 26.45 1.67 21.51
N ARG A 291 25.24 1.66 22.05
CA ARG A 291 25.05 1.51 23.49
C ARG A 291 25.37 0.07 23.91
N TYR A 292 25.49 -0.81 22.92
CA TYR A 292 25.69 -2.22 23.16
C TYR A 292 27.02 -2.73 22.60
N PRO A 293 28.12 -2.43 23.30
CA PRO A 293 29.46 -2.69 22.76
C PRO A 293 29.73 -4.15 22.41
N ASN A 294 29.15 -5.13 23.11
CA ASN A 294 29.37 -6.53 22.77
C ASN A 294 28.75 -7.00 21.44
N LEU A 295 27.73 -6.26 20.99
CA LEU A 295 26.98 -6.65 19.80
C LEU A 295 27.91 -6.80 18.58
N LEU A 296 28.69 -5.75 18.34
CA LEU A 296 29.61 -5.71 17.21
C LEU A 296 30.48 -6.96 17.11
N ASN A 297 31.22 -7.24 18.16
CA ASN A 297 32.09 -8.40 18.18
C ASN A 297 31.35 -9.69 17.94
N GLN A 298 30.13 -9.79 18.47
CA GLN A 298 29.39 -11.04 18.36
C GLN A 298 28.85 -11.27 16.95
N LEU A 299 28.58 -10.17 16.25
CA LEU A 299 28.14 -10.25 14.86
C LEU A 299 29.32 -10.58 13.98
N LEU A 300 30.45 -9.90 14.23
CA LEU A 300 31.68 -10.22 13.52
C LEU A 300 31.98 -11.71 13.63
N ASP A 301 31.61 -12.29 14.77
CA ASP A 301 31.83 -13.72 14.99
C ASP A 301 30.93 -14.63 14.17
N LEU A 302 29.89 -14.05 13.57
CA LEU A 302 29.01 -14.81 12.70
C LEU A 302 29.41 -14.67 11.23
N GLN A 303 30.25 -13.68 10.93
CA GLN A 303 30.76 -13.45 9.57
C GLN A 303 31.20 -14.70 8.83
N PRO A 304 31.88 -15.63 9.54
CA PRO A 304 32.58 -16.68 8.84
C PRO A 304 31.55 -17.57 8.19
N SER A 305 30.71 -18.22 9.01
CA SER A 305 29.76 -19.20 8.47
C SER A 305 28.27 -18.85 8.64
N HIS A 306 27.97 -17.58 8.84
CA HIS A 306 26.58 -17.14 8.98
C HIS A 306 26.36 -15.80 8.31
N SER A 307 27.19 -15.50 7.30
CA SER A 307 27.16 -14.19 6.68
C SER A 307 25.93 -13.98 5.79
N SER A 308 25.67 -12.71 5.48
CA SER A 308 24.55 -12.32 4.63
C SER A 308 24.71 -10.84 4.34
N PRO A 309 24.00 -10.33 3.33
CA PRO A 309 24.03 -8.89 3.17
C PRO A 309 23.38 -8.21 4.38
N TYR A 310 22.59 -8.97 5.14
CA TYR A 310 21.91 -8.41 6.30
C TYR A 310 22.89 -8.18 7.45
N LEU A 311 23.77 -9.15 7.67
CA LEU A 311 24.79 -9.00 8.70
C LEU A 311 25.68 -7.82 8.37
N ILE A 312 26.08 -7.72 7.10
CA ILE A 312 26.94 -6.65 6.66
C ILE A 312 26.28 -5.29 6.85
N ALA A 313 25.00 -5.20 6.48
CA ALA A 313 24.26 -3.96 6.61
C ALA A 313 24.17 -3.56 8.09
N PHE A 314 23.96 -4.54 8.95
CA PHE A 314 23.84 -4.29 10.39
C PHE A 314 25.16 -3.72 10.92
N LEU A 315 26.27 -4.28 10.45
CA LEU A 315 27.59 -3.75 10.82
C LEU A 315 27.69 -2.27 10.50
N VAL A 316 27.26 -1.90 9.29
CA VAL A 316 27.31 -0.50 8.89
C VAL A 316 26.46 0.35 9.82
N ASP A 317 25.32 -0.19 10.25
CA ASP A 317 24.44 0.54 11.18
C ASP A 317 25.11 0.69 12.54
N ILE A 318 25.80 -0.36 12.99
CA ILE A 318 26.55 -0.25 14.25
C ILE A 318 27.61 0.84 14.12
N TYR A 319 28.40 0.78 13.06
CA TYR A 319 29.45 1.77 12.81
C TYR A 319 28.89 3.18 12.73
N GLU A 320 27.77 3.32 12.05
CA GLU A 320 27.12 4.62 11.91
C GLU A 320 26.80 5.24 13.28
N ASP A 321 26.23 4.45 14.18
CA ASP A 321 25.84 4.99 15.49
C ASP A 321 27.09 5.31 16.32
N MET A 322 28.08 4.42 16.27
CA MET A 322 29.37 4.66 16.93
C MET A 322 29.92 6.03 16.54
N LEU A 323 29.97 6.30 15.24
CA LEU A 323 30.50 7.57 14.75
C LEU A 323 29.67 8.76 15.19
N GLU A 324 28.38 8.52 15.41
CA GLU A 324 27.47 9.59 15.84
C GLU A 324 27.69 9.92 17.30
N ASN A 325 28.09 8.92 18.08
CA ASN A 325 28.37 9.11 19.49
C ASN A 325 29.88 9.20 19.76
N GLN A 326 30.59 9.84 18.84
CA GLN A 326 31.99 10.15 19.04
C GLN A 326 32.78 8.99 19.66
N CYS A 327 32.81 7.87 18.97
CA CYS A 327 33.51 6.71 19.50
C CYS A 327 35.03 6.91 19.46
N ASP A 328 35.76 5.97 20.04
CA ASP A 328 37.21 5.93 19.90
C ASP A 328 37.57 5.50 18.49
N ASN A 329 38.72 5.96 18.01
CA ASN A 329 39.21 5.57 16.69
C ASN A 329 38.22 5.98 15.61
N LYS A 330 37.79 7.24 15.65
CA LYS A 330 36.86 7.77 14.67
C LYS A 330 37.19 7.26 13.28
N GLU A 331 38.43 7.49 12.86
CA GLU A 331 38.82 7.24 11.47
C GLU A 331 38.86 5.76 11.12
N ASP A 332 39.31 4.94 12.06
CA ASP A 332 39.35 3.50 11.84
C ASP A 332 37.94 2.97 11.55
N ILE A 333 36.98 3.45 12.32
CA ILE A 333 35.59 3.01 12.22
C ILE A 333 34.98 3.48 10.89
N LEU A 334 35.18 4.76 10.57
CA LEU A 334 34.72 5.31 9.30
C LEU A 334 35.11 4.43 8.10
N ASN A 335 36.41 4.16 7.97
CA ASN A 335 36.91 3.40 6.82
C ASN A 335 36.39 1.98 6.79
N LYS A 336 36.20 1.39 7.97
CA LYS A 336 35.56 0.10 8.05
C LYS A 336 34.16 0.20 7.44
N ALA A 337 33.42 1.23 7.83
CA ALA A 337 32.06 1.45 7.33
C ALA A 337 32.03 1.69 5.83
N LEU A 338 32.95 2.52 5.34
CA LEU A 338 32.97 2.86 3.93
C LEU A 338 33.34 1.65 3.10
N GLU A 339 34.25 0.84 3.63
CA GLU A 339 34.62 -0.40 2.95
C GLU A 339 33.38 -1.27 2.77
N LEU A 340 32.60 -1.39 3.83
CA LEU A 340 31.39 -2.22 3.80
C LEU A 340 30.34 -1.67 2.85
N CYS A 341 30.13 -0.35 2.88
CA CYS A 341 29.18 0.27 1.97
C CYS A 341 29.55 -0.05 0.54
N GLU A 342 30.85 -0.06 0.26
CA GLU A 342 31.33 -0.31 -1.09
C GLU A 342 31.09 -1.76 -1.47
N ILE A 343 31.41 -2.67 -0.55
CA ILE A 343 31.16 -4.09 -0.77
C ILE A 343 29.67 -4.35 -1.08
N LEU A 344 28.79 -3.71 -0.31
CA LEU A 344 27.34 -3.85 -0.50
C LEU A 344 26.90 -3.29 -1.85
N ALA A 345 27.35 -2.09 -2.17
CA ALA A 345 26.95 -1.43 -3.39
C ALA A 345 27.44 -2.16 -4.64
N LYS A 346 28.64 -2.74 -4.58
CA LYS A 346 29.29 -3.26 -5.77
C LYS A 346 29.15 -4.76 -5.93
N GLU A 347 28.95 -5.47 -4.83
CA GLU A 347 28.92 -6.92 -4.90
C GLU A 347 27.76 -7.58 -4.16
N LYS A 348 27.63 -7.25 -2.88
CA LYS A 348 26.77 -8.00 -1.96
C LYS A 348 25.29 -7.61 -1.97
N ASP A 349 25.00 -6.36 -2.32
CA ASP A 349 23.63 -5.87 -2.25
C ASP A 349 23.44 -4.81 -3.33
N THR A 350 23.73 -5.17 -4.57
CA THR A 350 23.75 -4.19 -5.65
C THR A 350 22.37 -3.61 -5.98
N ILE A 351 21.30 -4.33 -5.66
CA ILE A 351 19.95 -3.81 -5.93
C ILE A 351 19.79 -2.47 -5.18
N ARG A 352 20.48 -2.37 -4.04
CA ARG A 352 20.48 -1.13 -3.23
C ARG A 352 21.74 -0.26 -3.40
N LYS A 353 22.39 -0.37 -4.56
CA LYS A 353 23.60 0.42 -4.79
C LYS A 353 23.40 1.92 -4.54
N GLU A 354 22.26 2.48 -4.96
CA GLU A 354 22.03 3.92 -4.73
C GLU A 354 21.91 4.27 -3.26
N TYR A 355 21.32 3.37 -2.48
CA TYR A 355 21.18 3.61 -1.06
C TYR A 355 22.55 3.54 -0.37
N TRP A 356 23.28 2.48 -0.67
CA TRP A 356 24.58 2.28 -0.03
C TRP A 356 25.62 3.34 -0.41
N ARG A 357 25.53 3.88 -1.62
CA ARG A 357 26.41 4.97 -2.02
C ARG A 357 26.01 6.25 -1.30
N TYR A 358 24.70 6.46 -1.15
CA TYR A 358 24.19 7.55 -0.33
C TYR A 358 24.67 7.46 1.12
N ILE A 359 24.66 6.26 1.70
CA ILE A 359 25.13 6.09 3.07
C ILE A 359 26.64 6.41 3.18
N GLY A 360 27.43 5.87 2.26
CA GLY A 360 28.88 6.10 2.26
C GLY A 360 29.21 7.58 2.15
N ARG A 361 28.43 8.26 1.33
CA ARG A 361 28.58 9.69 1.10
C ARG A 361 28.22 10.47 2.37
N SER A 362 27.15 10.06 3.04
CA SER A 362 26.70 10.70 4.28
C SER A 362 27.72 10.55 5.41
N LEU A 363 28.27 9.35 5.55
CA LEU A 363 29.24 9.09 6.59
C LEU A 363 30.49 9.92 6.34
N GLN A 364 30.94 9.93 5.10
CA GLN A 364 32.09 10.74 4.67
C GLN A 364 31.84 12.21 4.98
N SER A 365 30.68 12.69 4.55
CA SER A 365 30.34 14.10 4.69
C SER A 365 30.36 14.59 6.15
N LYS A 366 30.04 13.73 7.11
CA LYS A 366 30.00 14.24 8.48
C LYS A 366 31.00 13.63 9.48
N HIS A 367 31.74 12.60 9.08
CA HIS A 367 32.64 11.96 10.03
C HIS A 367 34.11 11.88 9.60
N SER A 368 34.44 12.41 8.42
CA SER A 368 35.84 12.41 8.00
C SER A 368 36.64 13.38 8.86
N ARG A 369 37.93 13.11 9.04
CA ARG A 369 38.77 13.99 9.86
C ARG A 369 38.71 15.44 9.39
N GLU A 370 38.38 15.63 8.11
CA GLU A 370 38.35 16.95 7.48
C GLU A 370 36.97 17.61 7.61
N SER A 371 35.98 16.84 8.03
CA SER A 371 34.59 17.30 8.09
C SER A 371 34.36 18.56 8.92
N ASP A 372 35.11 18.72 10.02
CA ASP A 372 34.92 19.87 10.88
C ASP A 372 36.05 20.91 10.71
N ILE A 373 36.86 20.72 9.68
CA ILE A 373 38.01 21.59 9.43
C ILE A 373 37.65 22.77 8.52
N PRO A 374 37.87 24.01 8.99
CA PRO A 374 37.57 25.22 8.21
C PRO A 374 38.29 25.22 6.86
N ALA A 375 37.64 25.77 5.85
CA ALA A 375 38.15 25.75 4.48
C ALA A 375 39.56 26.33 4.34
N SER A 376 39.89 27.30 5.20
CA SER A 376 41.19 27.99 5.12
C SER A 376 42.37 27.12 5.56
N VAL A 377 42.11 26.16 6.45
CA VAL A 377 43.17 25.28 6.95
C VAL A 377 43.85 24.52 5.82
N PRO B 17 31.63 -3.63 -24.15
CA PRO B 17 32.19 -4.90 -24.64
C PRO B 17 31.10 -5.79 -25.24
N VAL B 18 31.51 -6.69 -26.12
CA VAL B 18 30.57 -7.56 -26.82
C VAL B 18 29.96 -8.64 -25.93
N TRP B 19 30.73 -9.09 -24.95
CA TRP B 19 30.26 -10.12 -24.02
C TRP B 19 29.33 -9.55 -22.93
N SER B 20 29.20 -8.22 -22.90
CA SER B 20 28.46 -7.54 -21.83
C SER B 20 26.95 -7.52 -22.05
N GLU B 21 26.19 -7.92 -21.04
CA GLU B 21 24.73 -7.86 -21.08
C GLU B 21 24.21 -6.53 -20.53
N PRO B 22 23.56 -5.72 -21.38
CA PRO B 22 23.10 -4.41 -20.92
C PRO B 22 21.90 -4.49 -19.97
N LEU B 23 21.20 -5.62 -19.95
CA LEU B 23 20.08 -5.78 -19.01
C LEU B 23 20.52 -6.40 -17.69
N TYR B 24 20.30 -5.66 -16.62
CA TYR B 24 20.72 -6.04 -15.28
C TYR B 24 20.22 -7.41 -14.87
N SER B 25 18.97 -7.72 -15.21
CA SER B 25 18.38 -8.99 -14.79
C SER B 25 18.90 -10.20 -15.56
N LEU B 26 19.54 -9.95 -16.71
CA LEU B 26 20.02 -11.05 -17.56
C LEU B 26 21.53 -11.36 -17.39
N ARG B 27 22.21 -10.53 -16.61
CA ARG B 27 23.64 -10.76 -16.38
C ARG B 27 23.86 -12.06 -15.61
N PRO B 28 25.00 -12.73 -15.88
CA PRO B 28 25.31 -14.00 -15.21
C PRO B 28 25.38 -13.86 -13.69
N GLU B 29 25.90 -12.74 -13.18
CA GLU B 29 25.99 -12.53 -11.72
C GLU B 29 24.60 -12.53 -11.09
N HIS B 30 23.60 -12.15 -11.88
CA HIS B 30 22.25 -12.02 -11.35
C HIS B 30 21.75 -13.31 -10.71
N ALA B 31 22.24 -14.46 -11.20
CA ALA B 31 21.81 -15.74 -10.65
C ALA B 31 22.18 -15.86 -9.17
N ARG B 32 23.17 -15.09 -8.74
CA ARG B 32 23.60 -15.12 -7.34
C ARG B 32 22.58 -14.46 -6.41
N GLU B 33 21.57 -13.82 -7.00
CA GLU B 33 20.56 -13.11 -6.24
C GLU B 33 19.35 -13.99 -5.94
N ARG B 34 19.37 -15.25 -6.38
CA ARG B 34 18.30 -16.20 -6.04
C ARG B 34 18.24 -16.43 -4.54
N LEU B 35 17.06 -16.85 -4.06
CA LEU B 35 16.83 -17.02 -2.63
C LEU B 35 17.77 -18.05 -2.02
N GLN B 36 18.37 -17.71 -0.88
CA GLN B 36 19.08 -18.69 -0.08
C GLN B 36 18.22 -19.04 1.11
N ASP B 37 17.70 -20.28 1.14
CA ASP B 37 16.80 -20.69 2.19
C ASP B 37 17.47 -21.38 3.38
N ASP B 38 18.80 -21.41 3.38
CA ASP B 38 19.57 -21.97 4.49
C ASP B 38 19.12 -23.38 4.82
N SER B 39 18.58 -24.07 3.81
CA SER B 39 18.12 -25.44 3.99
C SER B 39 17.04 -25.56 5.05
N VAL B 40 16.38 -24.45 5.36
CA VAL B 40 15.24 -24.47 6.24
C VAL B 40 14.02 -24.02 5.45
N GLU B 41 13.13 -24.95 5.12
CA GLU B 41 11.96 -24.61 4.31
C GLU B 41 10.76 -24.23 5.17
N THR B 42 10.13 -23.10 4.84
CA THR B 42 8.87 -22.72 5.46
C THR B 42 7.93 -22.26 4.35
N VAL B 43 6.66 -22.05 4.70
CA VAL B 43 5.71 -21.60 3.69
C VAL B 43 6.22 -20.35 2.99
N THR B 44 6.83 -19.43 3.74
CA THR B 44 7.38 -18.21 3.12
C THR B 44 8.43 -18.50 2.04
N SER B 45 9.43 -19.33 2.35
CA SER B 45 10.50 -19.57 1.38
C SER B 45 9.98 -20.38 0.19
N ILE B 46 9.08 -21.33 0.44
CA ILE B 46 8.47 -22.09 -0.66
C ILE B 46 7.78 -21.16 -1.66
N GLU B 47 7.01 -20.21 -1.14
CA GLU B 47 6.27 -19.29 -2.01
C GLU B 47 7.19 -18.34 -2.77
N GLN B 48 8.22 -17.84 -2.10
CA GLN B 48 9.19 -16.95 -2.75
C GLN B 48 9.92 -17.70 -3.88
N ALA B 49 10.33 -18.94 -3.60
CA ALA B 49 11.05 -19.75 -4.59
C ALA B 49 10.21 -20.00 -5.84
N LYS B 50 8.90 -20.19 -5.65
CA LYS B 50 8.00 -20.41 -6.77
C LYS B 50 7.93 -19.19 -7.68
N VAL B 51 7.88 -17.99 -7.09
CA VAL B 51 7.85 -16.78 -7.90
C VAL B 51 9.16 -16.60 -8.66
N GLU B 52 10.28 -16.84 -7.98
CA GLU B 52 11.59 -16.69 -8.58
C GLU B 52 11.79 -17.62 -9.78
N GLU B 53 11.31 -18.85 -9.66
CA GLU B 53 11.46 -19.80 -10.76
C GLU B 53 10.69 -19.31 -11.99
N LYS B 54 9.47 -18.82 -11.77
CA LYS B 54 8.64 -18.27 -12.84
C LYS B 54 9.27 -17.04 -13.48
N ILE B 55 9.88 -16.19 -12.64
CA ILE B 55 10.50 -14.97 -13.15
C ILE B 55 11.79 -15.30 -13.91
N GLN B 56 12.55 -16.27 -13.41
CA GLN B 56 13.76 -16.70 -14.09
C GLN B 56 13.42 -17.21 -15.50
N GLU B 57 12.33 -17.95 -15.62
CA GLU B 57 11.88 -18.39 -16.94
C GLU B 57 11.62 -17.21 -17.88
N VAL B 58 10.97 -16.17 -17.38
CA VAL B 58 10.77 -14.99 -18.18
C VAL B 58 12.11 -14.41 -18.60
N PHE B 59 12.99 -14.17 -17.63
CA PHE B 59 14.30 -13.59 -17.91
C PHE B 59 15.08 -14.39 -18.95
N SER B 60 15.07 -15.71 -18.81
CA SER B 60 15.85 -16.60 -19.66
C SER B 60 15.18 -16.95 -20.99
N SER B 61 13.95 -16.47 -21.21
CA SER B 61 13.21 -16.87 -22.39
C SER B 61 13.91 -16.45 -23.70
N TYR B 62 14.55 -15.28 -23.68
CA TYR B 62 15.31 -14.81 -24.85
C TYR B 62 16.47 -15.74 -25.16
N LYS B 63 17.25 -16.06 -24.13
CA LYS B 63 18.40 -16.93 -24.26
C LYS B 63 17.98 -18.32 -24.76
N PHE B 64 16.92 -18.88 -24.19
CA PHE B 64 16.50 -20.22 -24.58
C PHE B 64 15.88 -20.24 -25.99
N ASN B 65 15.24 -19.13 -26.37
CA ASN B 65 14.68 -18.98 -27.71
C ASN B 65 15.69 -18.43 -28.74
N HIS B 66 16.90 -18.13 -28.26
CA HIS B 66 17.97 -17.66 -29.14
C HIS B 66 17.57 -16.37 -29.87
N LEU B 67 17.08 -15.40 -29.11
CA LEU B 67 16.70 -14.09 -29.66
C LEU B 67 17.39 -13.00 -28.87
N VAL B 68 17.57 -11.83 -29.46
CA VAL B 68 18.07 -10.70 -28.68
C VAL B 68 16.91 -9.97 -27.98
N PRO B 69 17.04 -9.78 -26.66
CA PRO B 69 16.00 -9.13 -25.87
C PRO B 69 15.69 -7.74 -26.41
N ARG B 70 14.41 -7.42 -26.54
CA ARG B 70 14.00 -6.06 -26.86
C ARG B 70 12.81 -5.68 -25.98
N LEU B 71 13.03 -4.73 -25.07
CA LEU B 71 12.00 -4.38 -24.11
C LEU B 71 11.16 -3.27 -24.69
N VAL B 72 9.91 -3.59 -25.01
CA VAL B 72 9.00 -2.65 -25.62
C VAL B 72 7.72 -2.51 -24.79
N LEU B 73 7.37 -1.28 -24.46
CA LEU B 73 6.10 -1.02 -23.83
C LEU B 73 5.05 -1.09 -24.92
N GLN B 74 4.08 -1.99 -24.77
CA GLN B 74 3.08 -2.23 -25.82
C GLN B 74 2.00 -1.16 -25.84
N ARG B 75 2.37 0.06 -26.21
CA ARG B 75 1.49 1.22 -26.09
C ARG B 75 0.15 1.07 -26.79
N GLU B 76 0.16 0.59 -28.03
CA GLU B 76 -1.09 0.49 -28.77
C GLU B 76 -2.05 -0.49 -28.12
N LYS B 77 -1.51 -1.62 -27.69
CA LYS B 77 -2.31 -2.62 -26.98
C LYS B 77 -2.90 -2.04 -25.70
N HIS B 78 -2.07 -1.35 -24.91
CA HIS B 78 -2.57 -0.77 -23.65
C HIS B 78 -3.63 0.29 -23.92
N PHE B 79 -3.43 1.12 -24.94
CA PHE B 79 -4.42 2.12 -25.34
C PHE B 79 -5.78 1.51 -25.70
N HIS B 80 -5.76 0.43 -26.48
CA HIS B 80 -7.01 -0.21 -26.88
C HIS B 80 -7.77 -0.72 -25.67
N TYR B 81 -7.05 -1.37 -24.76
CA TYR B 81 -7.62 -1.91 -23.52
C TYR B 81 -8.25 -0.80 -22.69
N LEU B 82 -7.54 0.32 -22.55
CA LEU B 82 -7.99 1.47 -21.79
C LEU B 82 -9.18 2.20 -22.43
N LYS B 83 -9.07 2.48 -23.72
CA LYS B 83 -10.13 3.19 -24.46
C LYS B 83 -11.46 2.47 -24.30
N ARG B 84 -11.45 1.15 -24.41
CA ARG B 84 -12.69 0.38 -24.29
C ARG B 84 -13.20 0.40 -22.85
N GLY B 85 -12.31 0.10 -21.90
CA GLY B 85 -12.71 0.03 -20.49
C GLY B 85 -13.31 1.32 -19.97
N LEU B 86 -12.90 2.45 -20.53
CA LEU B 86 -13.40 3.74 -20.06
C LEU B 86 -14.89 3.82 -20.30
N ARG B 87 -15.37 3.00 -21.24
CA ARG B 87 -16.75 3.03 -21.62
C ARG B 87 -17.52 1.85 -21.06
N GLN B 88 -16.91 0.66 -21.14
CA GLN B 88 -17.63 -0.53 -20.80
C GLN B 88 -16.74 -1.59 -20.21
N LEU B 89 -17.25 -2.29 -19.19
CA LEU B 89 -16.48 -3.34 -18.53
C LEU B 89 -17.30 -4.63 -18.47
N THR B 90 -16.62 -5.77 -18.53
CA THR B 90 -17.28 -7.05 -18.36
C THR B 90 -17.70 -7.28 -16.89
N ASP B 91 -18.50 -8.31 -16.67
CA ASP B 91 -18.96 -8.59 -15.31
C ASP B 91 -17.83 -9.07 -14.40
N ALA B 92 -16.61 -9.17 -14.95
CA ALA B 92 -15.45 -9.43 -14.12
C ALA B 92 -15.28 -8.28 -13.11
N TYR B 93 -15.87 -7.13 -13.45
CA TYR B 93 -15.77 -5.93 -12.65
C TYR B 93 -16.95 -5.70 -11.70
N GLU B 94 -17.82 -6.70 -11.56
CA GLU B 94 -18.90 -6.63 -10.57
C GLU B 94 -18.35 -6.35 -9.17
N CYS B 95 -17.20 -6.93 -8.84
CA CYS B 95 -16.62 -6.76 -7.51
C CYS B 95 -16.13 -5.32 -7.28
N LEU B 96 -16.14 -4.51 -8.32
CA LEU B 96 -15.71 -3.10 -8.23
C LEU B 96 -16.86 -2.14 -8.49
N ASP B 97 -18.08 -2.65 -8.37
CA ASP B 97 -19.28 -1.83 -8.53
C ASP B 97 -19.39 -0.69 -7.51
N ALA B 98 -18.69 -0.80 -6.40
CA ALA B 98 -18.67 0.28 -5.41
C ALA B 98 -17.35 1.07 -5.49
N SER B 99 -16.67 1.00 -6.64
CA SER B 99 -15.42 1.72 -6.87
C SER B 99 -15.38 2.29 -8.27
N ARG B 100 -16.49 2.76 -8.79
CA ARG B 100 -16.45 3.19 -10.18
C ARG B 100 -15.63 4.45 -10.42
N PRO B 101 -15.62 5.39 -9.45
CA PRO B 101 -14.71 6.52 -9.65
C PRO B 101 -13.24 6.11 -9.70
N TRP B 102 -12.87 5.03 -9.01
CA TRP B 102 -11.52 4.52 -9.10
C TRP B 102 -11.23 4.06 -10.53
N LEU B 103 -12.19 3.38 -11.14
CA LEU B 103 -12.00 2.95 -12.52
C LEU B 103 -11.78 4.15 -13.45
N CYS B 104 -12.56 5.22 -13.27
CA CYS B 104 -12.38 6.43 -14.08
C CYS B 104 -10.97 6.95 -13.90
N TYR B 105 -10.55 7.05 -12.64
CA TYR B 105 -9.22 7.54 -12.32
C TYR B 105 -8.09 6.67 -12.87
N TRP B 106 -8.17 5.36 -12.64
CA TRP B 106 -7.09 4.47 -13.10
C TRP B 106 -6.94 4.57 -14.61
N ILE B 107 -8.06 4.60 -15.32
CA ILE B 107 -8.01 4.59 -16.78
C ILE B 107 -7.58 5.94 -17.33
N LEU B 108 -8.19 7.01 -16.86
CA LEU B 108 -7.76 8.33 -17.29
C LEU B 108 -6.28 8.61 -16.99
N HIS B 109 -5.79 8.19 -15.83
CA HIS B 109 -4.38 8.39 -15.50
C HIS B 109 -3.44 7.57 -16.39
N SER B 110 -3.80 6.32 -16.66
CA SER B 110 -3.01 5.49 -17.56
C SER B 110 -2.91 6.17 -18.94
N LEU B 111 -4.04 6.67 -19.43
CA LEU B 111 -4.07 7.34 -20.74
C LEU B 111 -3.20 8.57 -20.72
N GLU B 112 -3.23 9.31 -19.61
CA GLU B 112 -2.39 10.51 -19.40
C GLU B 112 -0.91 10.16 -19.45
N LEU B 113 -0.54 9.07 -18.78
CA LEU B 113 0.85 8.63 -18.76
C LEU B 113 1.30 8.25 -20.16
N LEU B 114 0.38 7.67 -20.93
CA LEU B 114 0.67 7.25 -22.30
C LEU B 114 0.52 8.41 -23.28
N ASP B 115 0.27 9.60 -22.75
CA ASP B 115 0.13 10.80 -23.58
C ASP B 115 -0.95 10.64 -24.66
N GLU B 116 -2.07 10.04 -24.28
CA GLU B 116 -3.22 9.91 -25.16
C GLU B 116 -4.27 10.93 -24.76
N PRO B 117 -4.72 11.76 -25.70
CA PRO B 117 -5.60 12.86 -25.34
C PRO B 117 -6.98 12.36 -24.93
N ILE B 118 -7.66 13.14 -24.09
CA ILE B 118 -9.00 12.79 -23.65
C ILE B 118 -10.00 13.59 -24.47
N PRO B 119 -10.74 12.92 -25.38
CA PRO B 119 -11.74 13.62 -26.17
C PRO B 119 -12.68 14.41 -25.27
N GLN B 120 -13.08 15.59 -25.71
CA GLN B 120 -13.95 16.44 -24.90
C GLN B 120 -15.30 15.78 -24.63
N ILE B 121 -15.74 14.98 -25.59
CA ILE B 121 -16.94 14.18 -25.45
C ILE B 121 -16.79 13.23 -24.26
N VAL B 122 -15.65 12.57 -24.18
CA VAL B 122 -15.36 11.68 -23.06
C VAL B 122 -15.26 12.48 -21.76
N ALA B 123 -14.47 13.55 -21.79
CA ALA B 123 -14.33 14.41 -20.62
C ALA B 123 -15.69 14.80 -20.03
N THR B 124 -16.58 15.31 -20.86
CA THR B 124 -17.90 15.73 -20.39
C THR B 124 -18.72 14.55 -19.84
N ASP B 125 -18.64 13.38 -20.48
CA ASP B 125 -19.36 12.20 -19.97
C ASP B 125 -18.83 11.75 -18.59
N VAL B 126 -17.53 11.84 -18.40
CA VAL B 126 -16.95 11.50 -17.10
C VAL B 126 -17.42 12.48 -16.03
N CYS B 127 -17.41 13.77 -16.37
CA CYS B 127 -17.91 14.81 -15.47
C CYS B 127 -19.32 14.51 -15.00
N GLN B 128 -20.19 14.20 -15.95
CA GLN B 128 -21.59 13.98 -15.67
C GLN B 128 -21.78 12.72 -14.82
N PHE B 129 -21.01 11.68 -15.09
CA PHE B 129 -21.13 10.47 -14.30
C PHE B 129 -20.69 10.75 -12.84
N LEU B 130 -19.56 11.44 -12.68
CA LEU B 130 -19.06 11.74 -11.34
C LEU B 130 -20.04 12.65 -10.59
N GLU B 131 -20.74 13.53 -11.30
CA GLU B 131 -21.79 14.32 -10.67
C GLU B 131 -22.84 13.43 -10.04
N LEU B 132 -23.22 12.38 -10.75
CA LEU B 132 -24.22 11.45 -10.27
C LEU B 132 -23.72 10.68 -9.05
N CYS B 133 -22.40 10.56 -8.91
CA CYS B 133 -21.81 9.83 -7.78
C CYS B 133 -21.65 10.74 -6.56
N GLN B 134 -21.81 12.04 -6.77
CA GLN B 134 -21.61 12.99 -5.68
C GLN B 134 -22.80 13.01 -4.72
N SER B 135 -22.54 12.91 -3.43
CA SER B 135 -23.58 12.94 -2.43
C SER B 135 -24.06 14.38 -2.16
N PRO B 136 -25.35 14.53 -1.87
CA PRO B 136 -25.91 15.85 -1.53
C PRO B 136 -25.20 16.46 -0.33
N ASP B 137 -24.73 15.62 0.58
CA ASP B 137 -24.08 16.10 1.79
C ASP B 137 -22.56 16.12 1.68
N GLY B 138 -22.06 15.93 0.45
CA GLY B 138 -20.64 16.08 0.16
C GLY B 138 -19.91 14.77 -0.02
N GLY B 139 -18.82 14.80 -0.78
CA GLY B 139 -18.05 13.60 -1.08
C GLY B 139 -18.65 12.83 -2.24
N PHE B 140 -17.95 11.80 -2.70
CA PHE B 140 -18.42 10.99 -3.79
C PHE B 140 -18.56 9.54 -3.31
N GLY B 141 -19.59 8.87 -3.81
CA GLY B 141 -19.76 7.43 -3.54
C GLY B 141 -19.18 6.57 -4.64
N GLY B 142 -19.27 5.24 -4.47
CA GLY B 142 -18.69 4.28 -5.40
C GLY B 142 -19.48 4.14 -6.68
N GLY B 143 -20.65 4.78 -6.72
CA GLY B 143 -21.52 4.69 -7.89
C GLY B 143 -22.74 5.54 -7.57
N PRO B 144 -23.62 5.76 -8.55
CA PRO B 144 -24.75 6.65 -8.30
C PRO B 144 -25.68 6.08 -7.25
N GLY B 145 -26.06 6.88 -6.25
CA GLY B 145 -26.96 6.39 -5.21
C GLY B 145 -26.25 5.73 -4.05
N GLN B 146 -24.92 5.65 -4.11
CA GLN B 146 -24.16 5.04 -3.04
C GLN B 146 -23.75 6.12 -2.05
N TYR B 147 -23.61 5.76 -0.79
CA TYR B 147 -23.16 6.73 0.23
C TYR B 147 -21.74 7.20 -0.11
N PRO B 148 -21.37 8.41 0.32
CA PRO B 148 -20.02 8.88 0.03
C PRO B 148 -18.97 8.11 0.85
N HIS B 149 -17.73 8.10 0.38
CA HIS B 149 -16.68 7.32 1.00
C HIS B 149 -15.38 8.02 0.57
N LEU B 150 -14.39 8.14 1.46
CA LEU B 150 -13.16 8.88 1.10
C LEU B 150 -12.35 8.32 -0.07
N ALA B 151 -12.42 7.00 -0.29
CA ALA B 151 -11.61 6.42 -1.37
C ALA B 151 -12.13 6.83 -2.77
N PRO B 152 -13.43 6.59 -3.05
CA PRO B 152 -13.96 7.11 -4.32
C PRO B 152 -13.99 8.64 -4.41
N THR B 153 -14.05 9.32 -3.26
CA THR B 153 -13.89 10.79 -3.22
C THR B 153 -12.51 11.22 -3.73
N TYR B 154 -11.45 10.60 -3.21
CA TYR B 154 -10.09 10.81 -3.72
C TYR B 154 -9.96 10.51 -5.21
N ALA B 155 -10.49 9.36 -5.64
CA ALA B 155 -10.45 8.96 -7.04
C ALA B 155 -11.19 9.97 -7.92
N ALA B 156 -12.38 10.37 -7.47
CA ALA B 156 -13.21 11.27 -8.26
C ALA B 156 -12.50 12.61 -8.44
N VAL B 157 -11.92 13.13 -7.36
CA VAL B 157 -11.24 14.42 -7.45
C VAL B 157 -10.01 14.35 -8.35
N ASN B 158 -9.24 13.27 -8.24
CA ASN B 158 -8.10 13.07 -9.14
C ASN B 158 -8.53 13.00 -10.61
N ALA B 159 -9.58 12.22 -10.88
CA ALA B 159 -10.08 12.10 -12.24
C ALA B 159 -10.48 13.48 -12.81
N LEU B 160 -11.27 14.23 -12.04
CA LEU B 160 -11.71 15.55 -12.47
C LEU B 160 -10.51 16.48 -12.70
N CYS B 161 -9.48 16.35 -11.88
CA CYS B 161 -8.27 17.17 -12.02
C CYS B 161 -7.45 16.76 -13.25
N ILE B 162 -7.47 15.48 -13.58
CA ILE B 162 -6.82 15.02 -14.81
C ILE B 162 -7.53 15.62 -16.02
N ILE B 163 -8.86 15.72 -15.96
CA ILE B 163 -9.59 16.34 -17.06
C ILE B 163 -9.25 17.84 -17.11
N GLY B 164 -9.36 18.49 -15.96
CA GLY B 164 -8.80 19.82 -15.79
C GLY B 164 -9.52 20.97 -16.46
N THR B 165 -10.72 20.73 -16.99
CA THR B 165 -11.52 21.80 -17.56
C THR B 165 -12.32 22.52 -16.48
N GLU B 166 -12.87 23.67 -16.84
CA GLU B 166 -13.75 24.42 -15.96
C GLU B 166 -14.94 23.55 -15.55
N GLU B 167 -15.53 22.86 -16.51
CA GLU B 167 -16.64 21.97 -16.25
C GLU B 167 -16.28 20.95 -15.15
N ALA B 168 -15.12 20.32 -15.31
CA ALA B 168 -14.66 19.30 -14.35
C ALA B 168 -14.47 19.89 -12.96
N TYR B 169 -13.74 20.99 -12.86
CA TYR B 169 -13.51 21.64 -11.55
C TYR B 169 -14.84 21.99 -10.88
N ASN B 170 -15.81 22.44 -11.68
CA ASN B 170 -17.09 22.89 -11.17
C ASN B 170 -17.97 21.79 -10.61
N VAL B 171 -17.67 20.54 -10.97
CA VAL B 171 -18.45 19.41 -10.49
C VAL B 171 -18.40 19.34 -8.97
N ILE B 172 -17.22 19.58 -8.41
CA ILE B 172 -17.00 19.38 -6.98
C ILE B 172 -17.73 20.41 -6.12
N ASN B 173 -18.63 19.96 -5.25
CA ASN B 173 -19.24 20.88 -4.29
C ASN B 173 -18.29 21.06 -3.10
N ARG B 174 -17.52 22.14 -3.14
CA ARG B 174 -16.46 22.37 -2.18
C ARG B 174 -16.95 22.58 -0.76
N GLU B 175 -18.07 23.29 -0.61
CA GLU B 175 -18.64 23.55 0.70
C GLU B 175 -19.06 22.25 1.36
N LYS B 176 -19.74 21.40 0.59
CA LYS B 176 -20.23 20.13 1.13
C LYS B 176 -19.06 19.18 1.36
N LEU B 177 -18.10 19.22 0.47
CA LEU B 177 -16.89 18.40 0.65
C LEU B 177 -16.24 18.67 2.01
N LEU B 178 -16.07 19.95 2.36
CA LEU B 178 -15.47 20.29 3.65
C LEU B 178 -16.31 19.78 4.79
N GLN B 179 -17.62 20.00 4.71
CA GLN B 179 -18.53 19.51 5.73
C GLN B 179 -18.39 18.00 5.87
N TYR B 180 -18.33 17.30 4.73
CA TYR B 180 -18.16 15.85 4.75
C TYR B 180 -16.87 15.44 5.51
N LEU B 181 -15.76 16.07 5.17
CA LEU B 181 -14.48 15.78 5.83
C LEU B 181 -14.57 16.00 7.34
N TYR B 182 -15.21 17.09 7.74
CA TYR B 182 -15.39 17.34 9.18
C TYR B 182 -16.22 16.24 9.84
N SER B 183 -17.22 15.74 9.13
CA SER B 183 -18.07 14.69 9.69
C SER B 183 -17.31 13.40 9.96
N LEU B 184 -16.17 13.21 9.27
CA LEU B 184 -15.38 11.98 9.42
C LEU B 184 -14.23 12.13 10.43
N LYS B 185 -13.89 13.38 10.75
CA LYS B 185 -12.75 13.67 11.64
C LYS B 185 -12.94 13.15 13.07
N GLN B 186 -11.94 12.45 13.61
CA GLN B 186 -11.98 11.91 14.95
C GLN B 186 -11.13 12.74 15.91
N PRO B 187 -11.44 12.69 17.21
CA PRO B 187 -10.68 13.43 18.22
C PRO B 187 -9.19 13.10 18.26
N ASP B 188 -8.79 11.88 17.89
CA ASP B 188 -7.37 11.51 17.95
C ASP B 188 -6.55 11.95 16.73
N GLY B 189 -7.16 12.68 15.81
CA GLY B 189 -6.48 13.14 14.60
C GLY B 189 -6.79 12.32 13.35
N SER B 190 -7.34 11.13 13.54
CA SER B 190 -7.63 10.24 12.38
C SER B 190 -8.94 10.60 11.69
N PHE B 191 -9.21 9.96 10.55
CA PHE B 191 -10.48 10.13 9.82
C PHE B 191 -11.14 8.77 9.58
N LEU B 192 -12.46 8.72 9.71
CA LEU B 192 -13.19 7.53 9.26
C LEU B 192 -13.12 7.50 7.74
N MET B 193 -13.18 6.31 7.13
CA MET B 193 -13.21 6.23 5.67
C MET B 193 -14.57 6.69 5.16
N HIS B 194 -15.60 6.46 5.98
CA HIS B 194 -16.97 6.88 5.67
C HIS B 194 -17.77 6.79 6.97
N VAL B 195 -18.99 7.33 6.94
CA VAL B 195 -19.84 7.34 8.13
C VAL B 195 -20.11 5.92 8.59
N GLY B 196 -19.82 5.63 9.83
CA GLY B 196 -19.96 4.28 10.36
C GLY B 196 -18.94 3.30 9.79
N GLY B 197 -17.81 3.82 9.30
CA GLY B 197 -16.79 2.98 8.68
C GLY B 197 -15.50 2.85 9.47
N GLU B 198 -14.49 2.24 8.85
CA GLU B 198 -13.21 1.95 9.50
C GLU B 198 -12.23 3.15 9.44
N VAL B 199 -11.28 3.18 10.38
CA VAL B 199 -10.23 4.17 10.38
C VAL B 199 -8.92 3.51 10.01
N ASP B 200 -8.18 4.12 9.10
CA ASP B 200 -6.77 3.75 8.88
C ASP B 200 -6.10 4.88 8.11
N VAL B 201 -4.81 4.75 7.89
CA VAL B 201 -4.06 5.88 7.33
C VAL B 201 -4.45 6.26 5.90
N ARG B 202 -5.10 5.33 5.18
CA ARG B 202 -5.62 5.69 3.86
C ARG B 202 -6.51 6.93 3.94
N SER B 203 -7.31 7.03 5.00
CA SER B 203 -8.31 8.09 5.10
C SER B 203 -7.66 9.46 5.27
N ALA B 204 -6.55 9.48 6.02
CA ALA B 204 -5.78 10.72 6.19
C ALA B 204 -5.26 11.21 4.85
N TYR B 205 -4.68 10.30 4.06
CA TYR B 205 -4.20 10.65 2.73
C TYR B 205 -5.33 11.10 1.79
N CYS B 206 -6.42 10.34 1.75
CA CYS B 206 -7.55 10.71 0.88
C CYS B 206 -8.06 12.12 1.21
N ALA B 207 -8.23 12.39 2.51
CA ALA B 207 -8.70 13.68 2.96
C ALA B 207 -7.70 14.82 2.66
N ALA B 208 -6.43 14.60 2.97
CA ALA B 208 -5.38 15.60 2.68
C ALA B 208 -5.28 15.89 1.19
N SER B 209 -5.35 14.84 0.39
CA SER B 209 -5.26 14.99 -1.06
C SER B 209 -6.39 15.85 -1.61
N VAL B 210 -7.64 15.51 -1.30
CA VAL B 210 -8.74 16.28 -1.89
C VAL B 210 -8.85 17.70 -1.31
N ALA B 211 -8.52 17.84 -0.03
CA ALA B 211 -8.64 19.15 0.61
C ALA B 211 -7.57 20.11 0.11
N SER B 212 -6.38 19.59 -0.19
CA SER B 212 -5.30 20.46 -0.63
C SER B 212 -5.52 20.87 -2.08
N LEU B 213 -5.93 19.92 -2.91
CA LEU B 213 -6.23 20.22 -4.30
C LEU B 213 -7.34 21.27 -4.43
N THR B 214 -8.42 21.11 -3.68
CA THR B 214 -9.59 21.99 -3.84
C THR B 214 -9.55 23.23 -2.92
N ASN B 215 -8.42 23.43 -2.25
CA ASN B 215 -8.24 24.57 -1.35
C ASN B 215 -9.38 24.70 -0.33
N ILE B 216 -9.61 23.65 0.46
CA ILE B 216 -10.63 23.74 1.51
C ILE B 216 -10.04 23.48 2.88
N ILE B 217 -8.72 23.55 2.98
CA ILE B 217 -8.06 23.30 4.26
C ILE B 217 -8.24 24.47 5.23
N THR B 218 -8.93 24.21 6.34
CA THR B 218 -9.08 25.20 7.39
C THR B 218 -7.98 25.03 8.42
N PRO B 219 -7.83 26.01 9.32
CA PRO B 219 -6.76 25.95 10.31
C PRO B 219 -6.82 24.71 11.21
N ASP B 220 -8.01 24.19 11.47
CA ASP B 220 -8.10 23.05 12.38
C ASP B 220 -8.48 21.70 11.74
N LEU B 221 -8.74 21.68 10.44
CA LEU B 221 -9.19 20.44 9.78
C LEU B 221 -8.25 19.26 10.12
N PHE B 222 -6.95 19.49 10.01
CA PHE B 222 -5.99 18.41 10.19
C PHE B 222 -5.24 18.46 11.51
N GLU B 223 -5.84 19.13 12.48
CA GLU B 223 -5.28 19.16 13.83
C GLU B 223 -5.16 17.74 14.37
N GLY B 224 -3.95 17.38 14.78
CA GLY B 224 -3.72 16.08 15.37
C GLY B 224 -3.42 14.99 14.33
N THR B 225 -3.64 15.29 13.06
CA THR B 225 -3.51 14.26 12.02
C THR B 225 -2.08 13.84 11.79
N ALA B 226 -1.16 14.82 11.75
CA ALA B 226 0.24 14.46 11.60
C ALA B 226 0.71 13.57 12.74
N GLU B 227 0.29 13.89 13.95
CA GLU B 227 0.71 13.11 15.10
C GLU B 227 0.14 11.69 15.07
N TRP B 228 -1.12 11.57 14.63
CA TRP B 228 -1.71 10.26 14.49
C TRP B 228 -0.94 9.43 13.45
N ILE B 229 -0.66 10.01 12.28
CA ILE B 229 0.13 9.30 11.27
C ILE B 229 1.48 8.87 11.82
N ALA B 230 2.16 9.75 12.56
CA ALA B 230 3.48 9.38 13.09
C ALA B 230 3.42 8.18 14.04
N ARG B 231 2.31 8.02 14.77
CA ARG B 231 2.12 6.87 15.64
C ARG B 231 1.97 5.57 14.85
N CYS B 232 1.64 5.68 13.58
CA CYS B 232 1.57 4.50 12.70
C CYS B 232 2.94 4.01 12.22
N GLN B 233 3.98 4.84 12.35
CA GLN B 233 5.31 4.35 12.01
C GLN B 233 5.75 3.38 13.09
N ASN B 234 6.26 2.22 12.69
CA ASN B 234 6.63 1.22 13.69
C ASN B 234 8.11 0.89 13.75
N TRP B 235 8.41 -0.19 14.46
CA TRP B 235 9.78 -0.65 14.68
C TRP B 235 10.52 -1.02 13.42
N GLU B 236 9.79 -1.31 12.35
CA GLU B 236 10.42 -1.65 11.06
C GLU B 236 10.95 -0.45 10.30
N GLY B 237 10.35 0.71 10.54
CA GLY B 237 10.69 1.95 9.84
C GLY B 237 9.58 2.38 8.91
N GLY B 238 8.78 1.42 8.43
CA GLY B 238 7.63 1.77 7.59
C GLY B 238 6.41 2.14 8.42
N ILE B 239 5.26 2.25 7.76
CA ILE B 239 4.03 2.69 8.40
C ILE B 239 2.92 1.64 8.24
N GLY B 240 2.25 1.32 9.34
CA GLY B 240 1.12 0.37 9.32
C GLY B 240 -0.22 1.07 9.18
N GLY B 241 -1.30 0.30 8.99
CA GLY B 241 -2.61 0.93 8.75
C GLY B 241 -3.14 1.71 9.95
N VAL B 242 -2.83 1.21 11.14
CA VAL B 242 -3.15 1.88 12.40
C VAL B 242 -1.97 1.60 13.35
N PRO B 243 -1.91 2.35 14.45
CA PRO B 243 -0.76 2.20 15.34
C PRO B 243 -0.65 0.76 15.81
N GLY B 244 0.56 0.19 15.75
CA GLY B 244 0.78 -1.18 16.22
C GLY B 244 0.92 -2.19 15.09
N MET B 245 0.34 -1.86 13.93
CA MET B 245 0.32 -2.80 12.81
C MET B 245 1.59 -2.83 11.94
N GLU B 246 1.80 -3.97 11.28
CA GLU B 246 2.95 -4.22 10.40
C GLU B 246 3.10 -3.15 9.34
N ALA B 247 4.35 -2.77 9.05
CA ALA B 247 4.61 -1.76 8.04
C ALA B 247 4.23 -2.33 6.67
N HIS B 248 3.55 -1.52 5.88
CA HIS B 248 3.11 -1.93 4.54
C HIS B 248 3.26 -0.79 3.55
N GLY B 249 3.69 -1.12 2.34
CA GLY B 249 3.91 -0.10 1.31
C GLY B 249 2.73 0.81 1.01
N GLY B 250 1.52 0.27 1.01
CA GLY B 250 0.36 1.11 0.69
C GLY B 250 0.10 2.15 1.76
N TYR B 251 0.16 1.73 3.01
CA TYR B 251 -0.07 2.62 4.13
C TYR B 251 1.11 3.59 4.30
N THR B 252 2.30 3.13 3.97
CA THR B 252 3.49 3.98 4.09
C THR B 252 3.43 5.10 3.05
N PHE B 253 3.07 4.77 1.82
CA PHE B 253 2.82 5.82 0.83
C PHE B 253 1.77 6.82 1.34
N CYS B 254 0.62 6.31 1.81
CA CYS B 254 -0.45 7.20 2.26
C CYS B 254 0.05 8.10 3.42
N GLY B 255 0.79 7.50 4.34
CA GLY B 255 1.27 8.24 5.53
C GLY B 255 2.24 9.35 5.14
N LEU B 256 3.26 8.99 4.36
CA LEU B 256 4.28 9.99 3.96
C LEU B 256 3.68 11.04 3.03
N ALA B 257 2.88 10.61 2.07
CA ALA B 257 2.28 11.57 1.16
C ALA B 257 1.38 12.56 1.88
N ALA B 258 0.58 12.08 2.83
CA ALA B 258 -0.26 12.99 3.60
C ALA B 258 0.60 13.97 4.41
N LEU B 259 1.68 13.46 5.00
CA LEU B 259 2.57 14.34 5.79
C LEU B 259 3.26 15.39 4.91
N VAL B 260 3.60 15.02 3.68
CA VAL B 260 4.16 15.98 2.74
C VAL B 260 3.17 17.08 2.44
N ILE B 261 1.92 16.70 2.16
CA ILE B 261 0.87 17.68 1.94
C ILE B 261 0.72 18.63 3.14
N LEU B 262 0.81 18.06 4.33
CA LEU B 262 0.63 18.84 5.56
C LEU B 262 1.91 19.58 5.96
N LYS B 263 2.98 19.36 5.19
CA LYS B 263 4.30 19.93 5.52
C LYS B 263 4.81 19.48 6.88
N LYS B 264 4.62 18.21 7.19
CA LYS B 264 5.01 17.68 8.48
C LYS B 264 5.80 16.38 8.37
N GLU B 265 6.51 16.19 7.26
CA GLU B 265 7.29 14.95 7.08
C GLU B 265 8.28 14.73 8.21
N ARG B 266 8.73 15.81 8.82
CA ARG B 266 9.73 15.71 9.89
C ARG B 266 9.18 15.00 11.13
N SER B 267 7.86 14.85 11.22
CA SER B 267 7.27 14.08 12.32
C SER B 267 7.73 12.62 12.31
N LEU B 268 8.17 12.13 11.15
CA LEU B 268 8.59 10.74 11.02
C LEU B 268 10.09 10.58 11.25
N ASN B 269 10.53 9.38 11.59
CA ASN B 269 11.94 9.05 11.47
C ASN B 269 12.18 8.71 9.98
N LEU B 270 12.70 9.69 9.24
CA LEU B 270 12.82 9.55 7.78
C LEU B 270 13.93 8.59 7.41
N LYS B 271 14.95 8.52 8.27
CA LYS B 271 16.05 7.60 8.06
C LYS B 271 15.63 6.12 8.16
N SER B 272 14.87 5.77 9.19
CA SER B 272 14.43 4.38 9.31
C SER B 272 13.40 4.02 8.21
N LEU B 273 12.63 5.02 7.79
CA LEU B 273 11.71 4.84 6.66
C LEU B 273 12.49 4.57 5.36
N LEU B 274 13.52 5.38 5.12
CA LEU B 274 14.35 5.19 3.93
C LEU B 274 14.96 3.78 3.90
N GLN B 275 15.52 3.33 5.02
CA GLN B 275 16.12 2.00 5.11
C GLN B 275 15.06 0.91 4.84
N TRP B 276 13.85 1.15 5.35
CA TRP B 276 12.77 0.17 5.21
C TRP B 276 12.33 0.06 3.74
N VAL B 277 12.02 1.19 3.11
CA VAL B 277 11.53 1.14 1.71
C VAL B 277 12.59 0.56 0.76
N THR B 278 13.85 1.00 0.88
CA THR B 278 14.86 0.50 -0.04
C THR B 278 15.03 -1.02 0.10
N SER B 279 14.81 -1.52 1.31
CA SER B 279 14.91 -2.96 1.56
C SER B 279 13.74 -3.72 0.93
N ARG B 280 12.72 -3.00 0.49
CA ARG B 280 11.52 -3.67 -0.09
C ARG B 280 11.68 -3.98 -1.59
N GLN B 281 12.76 -3.49 -2.21
CA GLN B 281 13.05 -3.88 -3.59
C GLN B 281 13.66 -5.28 -3.62
N MET B 282 13.10 -6.16 -4.44
CA MET B 282 13.55 -7.56 -4.46
C MET B 282 14.83 -7.69 -5.28
N ARG B 283 15.87 -8.27 -4.68
CA ARG B 283 17.17 -8.33 -5.34
C ARG B 283 17.12 -9.18 -6.62
N PHE B 284 16.29 -10.22 -6.64
CA PHE B 284 16.19 -11.02 -7.85
C PHE B 284 15.17 -10.47 -8.87
N GLU B 285 13.92 -10.30 -8.43
CA GLU B 285 12.85 -9.89 -9.35
C GLU B 285 13.02 -8.46 -9.86
N GLY B 286 13.53 -7.57 -9.02
CA GLY B 286 13.72 -6.17 -9.41
C GLY B 286 12.53 -5.28 -9.07
N GLY B 287 11.38 -5.88 -8.88
CA GLY B 287 10.20 -5.12 -8.46
C GLY B 287 10.19 -5.01 -6.93
N PHE B 288 9.10 -4.50 -6.38
CA PHE B 288 9.00 -4.31 -4.93
C PHE B 288 7.94 -5.21 -4.32
N GLN B 289 8.19 -5.65 -3.07
CA GLN B 289 7.17 -6.33 -2.25
C GLN B 289 6.48 -5.27 -1.37
N GLY B 290 5.32 -5.59 -0.82
CA GLY B 290 4.55 -4.63 -0.01
C GLY B 290 4.98 -4.64 1.46
N ARG B 291 5.56 -5.75 1.90
CA ARG B 291 6.07 -5.86 3.27
C ARG B 291 7.13 -6.92 3.31
N CYS B 292 7.91 -6.92 4.38
CA CYS B 292 9.01 -7.85 4.53
C CYS B 292 8.55 -9.31 4.42
N ASN B 293 9.30 -10.09 3.63
CA ASN B 293 9.06 -11.52 3.47
C ASN B 293 7.76 -11.88 2.76
N LYS B 294 7.20 -10.96 1.99
CA LYS B 294 6.10 -11.33 1.10
C LYS B 294 6.54 -11.18 -0.37
N LEU B 295 5.58 -11.26 -1.29
CA LEU B 295 5.95 -11.40 -2.71
C LEU B 295 5.96 -10.11 -3.48
N VAL B 296 6.77 -10.08 -4.54
CA VAL B 296 6.81 -8.95 -5.47
C VAL B 296 5.41 -8.75 -6.06
N ASP B 297 5.08 -7.51 -6.39
CA ASP B 297 3.82 -7.14 -7.03
C ASP B 297 4.02 -5.82 -7.77
N GLY B 298 3.70 -5.84 -9.07
CA GLY B 298 3.83 -4.63 -9.90
C GLY B 298 3.21 -3.35 -9.36
N CYS B 299 2.09 -3.44 -8.63
CA CYS B 299 1.48 -2.18 -8.16
C CYS B 299 2.37 -1.45 -7.12
N TYR B 300 3.27 -2.19 -6.49
CA TYR B 300 4.20 -1.54 -5.52
C TYR B 300 5.28 -0.74 -6.25
N SER B 301 5.33 -0.91 -7.57
CA SER B 301 6.17 -0.08 -8.40
C SER B 301 5.79 1.36 -8.14
N PHE B 302 4.53 1.60 -7.78
CA PHE B 302 4.13 2.95 -7.40
C PHE B 302 4.17 3.15 -5.88
N TRP B 303 3.36 2.36 -5.15
CA TRP B 303 3.26 2.58 -3.69
C TRP B 303 4.61 2.61 -2.95
N GLN B 304 5.53 1.72 -3.32
CA GLN B 304 6.84 1.65 -2.67
C GLN B 304 7.83 2.60 -3.36
N ALA B 305 8.01 2.46 -4.66
CA ALA B 305 9.00 3.29 -5.34
C ALA B 305 8.64 4.78 -5.30
N GLY B 306 7.35 5.09 -5.24
CA GLY B 306 6.89 6.47 -5.12
C GLY B 306 7.31 7.17 -3.83
N LEU B 307 7.70 6.39 -2.83
CA LEU B 307 8.25 6.95 -1.59
C LEU B 307 9.63 7.58 -1.81
N LEU B 308 10.36 7.11 -2.80
CA LEU B 308 11.73 7.61 -2.96
C LEU B 308 11.80 9.08 -3.39
N PRO B 309 10.93 9.50 -4.32
CA PRO B 309 10.85 10.92 -4.64
C PRO B 309 10.39 11.76 -3.46
N LEU B 310 9.47 11.22 -2.68
CA LEU B 310 8.98 11.95 -1.52
C LEU B 310 10.10 12.13 -0.49
N LEU B 311 10.86 11.08 -0.26
CA LEU B 311 11.97 11.11 0.69
C LEU B 311 13.07 12.04 0.18
N HIS B 312 13.32 12.01 -1.13
CA HIS B 312 14.35 12.86 -1.70
C HIS B 312 14.01 14.34 -1.43
N ARG B 313 12.78 14.72 -1.73
CA ARG B 313 12.33 16.08 -1.54
C ARG B 313 12.41 16.48 -0.08
N ALA B 314 11.92 15.61 0.80
CA ALA B 314 11.98 15.84 2.25
C ALA B 314 13.42 16.01 2.76
N LEU B 315 14.29 15.10 2.38
CA LEU B 315 15.67 15.14 2.85
C LEU B 315 16.39 16.36 2.29
N HIS B 316 16.08 16.70 1.04
CA HIS B 316 16.64 17.86 0.39
C HIS B 316 16.23 19.14 1.12
N ALA B 317 14.97 19.22 1.55
CA ALA B 317 14.47 20.38 2.27
C ALA B 317 15.17 20.52 3.62
N GLN B 318 15.82 19.45 4.07
CA GLN B 318 16.57 19.49 5.31
C GLN B 318 18.03 19.81 5.05
N GLY B 319 18.35 20.10 3.79
CA GLY B 319 19.72 20.44 3.41
C GLY B 319 20.68 19.25 3.39
N ASP B 320 20.14 18.07 3.16
CA ASP B 320 20.97 16.87 3.05
C ASP B 320 21.93 17.04 1.88
N PRO B 321 23.25 17.02 2.16
CA PRO B 321 24.25 17.27 1.13
C PRO B 321 24.64 16.02 0.33
N ALA B 322 24.33 14.84 0.85
CA ALA B 322 24.81 13.60 0.25
C ALA B 322 23.85 12.98 -0.76
N LEU B 323 22.75 13.67 -1.05
CA LEU B 323 21.74 13.19 -1.99
C LEU B 323 22.22 13.18 -3.44
N SER B 324 21.96 12.09 -4.16
CA SER B 324 22.24 12.06 -5.60
C SER B 324 21.54 13.21 -6.29
N MET B 325 22.11 13.68 -7.39
CA MET B 325 21.45 14.71 -8.20
C MET B 325 21.01 14.17 -9.56
N SER B 326 20.99 12.84 -9.72
CA SER B 326 20.57 12.25 -10.98
C SER B 326 19.68 11.00 -10.84
N HIS B 327 19.62 10.42 -9.65
CA HIS B 327 18.89 9.16 -9.47
C HIS B 327 18.14 9.10 -8.15
N TRP B 328 17.03 8.37 -8.15
CA TRP B 328 16.31 8.04 -6.93
C TRP B 328 17.09 6.99 -6.17
N MET B 329 16.81 6.83 -4.89
CA MET B 329 17.52 5.81 -4.13
C MET B 329 16.89 4.43 -4.21
N PHE B 330 16.64 3.99 -5.43
CA PHE B 330 16.29 2.61 -5.69
C PHE B 330 16.84 2.24 -7.08
N HIS B 331 16.88 0.96 -7.41
CA HIS B 331 17.41 0.53 -8.69
C HIS B 331 16.38 0.79 -9.80
N GLN B 332 16.51 1.94 -10.44
CA GLN B 332 15.54 2.36 -11.46
C GLN B 332 15.54 1.40 -12.65
N GLN B 333 16.72 0.95 -13.05
CA GLN B 333 16.83 0.02 -14.16
C GLN B 333 16.15 -1.32 -13.85
N ALA B 334 16.44 -1.91 -12.69
CA ALA B 334 15.86 -3.21 -12.36
C ALA B 334 14.33 -3.12 -12.27
N LEU B 335 13.80 -2.02 -11.73
CA LEU B 335 12.34 -1.86 -11.67
C LEU B 335 11.72 -1.80 -13.08
N GLN B 336 12.32 -1.01 -13.98
CA GLN B 336 11.80 -0.94 -15.35
C GLN B 336 11.83 -2.31 -16.04
N GLU B 337 12.90 -3.06 -15.79
CA GLU B 337 13.04 -4.37 -16.36
C GLU B 337 11.94 -5.29 -15.88
N TYR B 338 11.72 -5.33 -14.57
CA TYR B 338 10.62 -6.12 -14.01
C TYR B 338 9.28 -5.77 -14.66
N ILE B 339 8.98 -4.48 -14.75
CA ILE B 339 7.68 -4.05 -15.25
C ILE B 339 7.54 -4.39 -16.74
N LEU B 340 8.58 -4.06 -17.52
CA LEU B 340 8.55 -4.26 -18.97
C LEU B 340 8.53 -5.73 -19.36
N MET B 341 9.30 -6.56 -18.66
CA MET B 341 9.40 -7.97 -19.03
C MET B 341 8.34 -8.86 -18.38
N CYS B 342 7.90 -8.50 -17.18
CA CYS B 342 7.08 -9.42 -16.40
C CYS B 342 5.65 -8.97 -16.21
N CYS B 343 5.40 -7.67 -16.32
CA CYS B 343 4.11 -7.14 -15.92
C CYS B 343 3.20 -6.73 -17.07
N GLN B 344 3.60 -7.02 -18.31
CA GLN B 344 2.75 -6.68 -19.45
C GLN B 344 1.96 -7.86 -19.97
N CYS B 345 0.66 -7.64 -20.19
CA CYS B 345 -0.17 -8.63 -20.86
C CYS B 345 -0.05 -8.37 -22.35
N PRO B 346 0.23 -9.42 -23.13
CA PRO B 346 0.41 -9.24 -24.58
C PRO B 346 -0.84 -8.69 -25.26
N ALA B 347 -2.02 -8.97 -24.71
CA ALA B 347 -3.27 -8.40 -25.23
C ALA B 347 -3.51 -6.94 -24.80
N GLY B 348 -2.66 -6.41 -23.94
CA GLY B 348 -2.86 -5.05 -23.47
C GLY B 348 -3.24 -5.07 -22.00
N GLY B 349 -2.84 -4.04 -21.26
CA GLY B 349 -3.00 -4.07 -19.80
C GLY B 349 -1.76 -4.58 -19.09
N LEU B 350 -1.60 -4.21 -17.82
CA LEU B 350 -0.52 -4.69 -17.00
C LEU B 350 -1.04 -5.46 -15.79
N LEU B 351 -0.11 -6.11 -15.08
CA LEU B 351 -0.52 -7.01 -14.04
C LEU B 351 0.46 -7.04 -12.87
N ASP B 352 0.05 -7.79 -11.86
CA ASP B 352 0.74 -7.93 -10.57
C ASP B 352 2.06 -8.68 -10.77
N LYS B 353 1.98 -9.90 -11.32
CA LYS B 353 3.17 -10.70 -11.59
C LYS B 353 2.79 -11.76 -12.63
N PRO B 354 3.78 -12.42 -13.23
CA PRO B 354 3.46 -13.40 -14.27
C PRO B 354 2.52 -14.48 -13.74
N GLY B 355 1.50 -14.80 -14.53
CA GLY B 355 0.53 -15.80 -14.10
C GLY B 355 -0.76 -15.17 -13.60
N LYS B 356 -0.74 -13.86 -13.34
CA LYS B 356 -1.93 -13.17 -12.85
C LYS B 356 -2.64 -12.53 -14.02
N SER B 357 -3.90 -12.15 -13.85
CA SER B 357 -4.60 -11.52 -14.97
C SER B 357 -4.48 -10.01 -14.96
N ARG B 358 -4.62 -9.41 -16.14
CA ARG B 358 -4.56 -7.97 -16.29
C ARG B 358 -5.74 -7.31 -15.60
N ASP B 359 -5.57 -6.06 -15.18
CA ASP B 359 -6.68 -5.31 -14.60
C ASP B 359 -6.31 -3.83 -14.62
N PHE B 360 -7.29 -2.94 -14.47
CA PHE B 360 -7.03 -1.53 -14.69
C PHE B 360 -6.20 -0.91 -13.55
N TYR B 361 -6.38 -1.47 -12.36
CA TYR B 361 -5.60 -1.03 -11.20
C TYR B 361 -4.11 -1.27 -11.46
N HIS B 362 -3.71 -2.48 -11.86
CA HIS B 362 -2.30 -2.71 -12.12
C HIS B 362 -1.78 -1.96 -13.34
N THR B 363 -2.67 -1.71 -14.29
CA THR B 363 -2.32 -0.92 -15.46
C THR B 363 -1.94 0.49 -14.99
N CYS B 364 -2.74 1.05 -14.11
CA CYS B 364 -2.48 2.38 -13.59
C CYS B 364 -1.15 2.44 -12.82
N TYR B 365 -0.97 1.55 -11.85
CA TYR B 365 0.18 1.65 -10.93
C TYR B 365 1.47 1.10 -11.49
N CYS B 366 1.40 0.08 -12.36
CA CYS B 366 2.63 -0.33 -13.07
C CYS B 366 3.14 0.79 -13.95
N LEU B 367 2.26 1.48 -14.67
CA LEU B 367 2.72 2.57 -15.52
C LEU B 367 3.18 3.77 -14.68
N SER B 368 2.47 4.06 -13.60
CA SER B 368 2.91 5.14 -12.68
C SER B 368 4.32 4.91 -12.17
N GLY B 369 4.56 3.68 -11.71
CA GLY B 369 5.89 3.28 -11.25
C GLY B 369 6.94 3.29 -12.35
N LEU B 370 6.57 2.89 -13.57
CA LEU B 370 7.52 2.95 -14.67
C LEU B 370 7.93 4.41 -14.89
N SER B 371 6.97 5.32 -14.86
CA SER B 371 7.28 6.72 -15.09
C SER B 371 8.24 7.29 -14.02
N ILE B 372 7.95 6.99 -12.75
CA ILE B 372 8.83 7.35 -11.64
C ILE B 372 10.24 6.82 -11.87
N ALA B 373 10.34 5.55 -12.29
CA ALA B 373 11.63 4.93 -12.51
C ALA B 373 12.38 5.56 -13.70
N GLN B 374 11.63 6.16 -14.61
CA GLN B 374 12.22 6.75 -15.81
C GLN B 374 12.70 8.19 -15.54
N HIS B 375 12.00 8.89 -14.66
CA HIS B 375 12.19 10.34 -14.51
C HIS B 375 12.69 10.75 -13.13
N PHE B 376 13.93 11.25 -13.08
CA PHE B 376 14.43 11.91 -11.88
C PHE B 376 14.36 13.43 -12.05
N GLY B 377 13.87 14.11 -11.03
CA GLY B 377 13.79 15.57 -11.04
C GLY B 377 13.90 16.15 -9.64
N SER B 378 14.91 16.99 -9.42
CA SER B 378 15.05 17.67 -8.12
C SER B 378 15.29 19.17 -8.31
N GLY B 379 14.21 19.93 -8.50
CA GLY B 379 14.31 21.35 -8.79
C GLY B 379 14.76 21.55 -10.22
N ALA B 380 15.98 22.07 -10.37
CA ALA B 380 16.53 22.39 -11.69
C ALA B 380 17.15 21.15 -12.37
N MET B 381 17.58 20.19 -11.56
CA MET B 381 18.25 19.00 -12.06
C MET B 381 17.24 18.00 -12.63
N LEU B 382 17.53 17.48 -13.81
CA LEU B 382 16.65 16.51 -14.46
C LEU B 382 17.48 15.41 -15.12
N HIS B 383 17.09 14.17 -14.91
CA HIS B 383 17.78 13.06 -15.56
C HIS B 383 16.83 11.90 -15.83
N ASP B 384 16.78 11.45 -17.08
CA ASP B 384 15.95 10.31 -17.45
C ASP B 384 16.78 9.05 -17.63
N VAL B 385 16.15 7.93 -17.34
CA VAL B 385 16.72 6.63 -17.63
C VAL B 385 15.57 5.87 -18.30
N VAL B 386 15.68 5.60 -19.60
CA VAL B 386 14.62 4.90 -20.30
C VAL B 386 15.16 3.57 -20.80
N MET B 387 14.79 2.48 -20.13
CA MET B 387 15.21 1.15 -20.57
C MET B 387 14.43 0.74 -21.82
N GLY B 388 15.06 -0.04 -22.68
CA GLY B 388 14.42 -0.50 -23.92
C GLY B 388 14.33 0.58 -24.97
N VAL B 389 13.35 0.48 -25.87
CA VAL B 389 13.22 1.47 -26.93
C VAL B 389 12.84 2.84 -26.37
N PRO B 390 13.28 3.91 -27.03
CA PRO B 390 13.05 5.28 -26.50
C PRO B 390 11.57 5.65 -26.46
N GLU B 391 10.76 5.03 -27.32
CA GLU B 391 9.32 5.28 -27.33
C GLU B 391 8.68 4.77 -26.04
N ASN B 392 9.46 4.06 -25.23
CA ASN B 392 8.99 3.59 -23.93
C ASN B 392 8.72 4.72 -22.94
N VAL B 393 9.31 5.90 -23.18
CA VAL B 393 9.24 6.98 -22.21
C VAL B 393 7.80 7.43 -21.98
N LEU B 394 7.42 7.59 -20.71
CA LEU B 394 6.08 8.03 -20.32
C LEU B 394 6.05 9.49 -19.88
N GLN B 395 4.87 10.06 -19.78
CA GLN B 395 4.71 11.38 -19.17
C GLN B 395 4.97 11.25 -17.66
N PRO B 396 5.55 12.29 -17.05
CA PRO B 396 5.88 12.21 -15.63
C PRO B 396 4.63 12.24 -14.75
N THR B 397 4.75 11.75 -13.52
CA THR B 397 3.63 11.81 -12.60
C THR B 397 4.08 12.51 -11.32
N HIS B 398 3.15 13.16 -10.65
CA HIS B 398 3.43 13.84 -9.39
C HIS B 398 3.42 12.80 -8.26
N PRO B 399 4.52 12.70 -7.51
CA PRO B 399 4.65 11.64 -6.50
C PRO B 399 3.70 11.73 -5.30
N VAL B 400 3.06 12.89 -5.09
CA VAL B 400 2.09 13.01 -4.00
C VAL B 400 0.69 12.56 -4.41
N TYR B 401 0.22 13.06 -5.55
CA TYR B 401 -1.17 12.86 -5.97
C TYR B 401 -1.32 11.74 -7.02
N ASN B 402 -0.23 11.41 -7.68
CA ASN B 402 -0.22 10.49 -8.81
C ASN B 402 -1.20 10.92 -9.92
N ILE B 403 -1.16 12.21 -10.26
CA ILE B 403 -1.66 12.68 -11.53
C ILE B 403 -0.52 13.55 -12.11
N GLY B 404 -0.63 13.93 -13.37
CA GLY B 404 0.41 14.74 -14.02
C GLY B 404 0.71 15.98 -13.20
N PRO B 405 2.00 16.31 -13.04
CA PRO B 405 2.36 17.51 -12.24
C PRO B 405 1.74 18.78 -12.81
N ASP B 406 1.53 18.80 -14.13
CA ASP B 406 0.87 19.93 -14.75
C ASP B 406 -0.58 20.05 -14.30
N LYS B 407 -1.21 18.91 -14.05
CA LYS B 407 -2.59 18.89 -13.61
C LYS B 407 -2.71 19.33 -12.17
N VAL B 408 -1.73 18.94 -11.36
CA VAL B 408 -1.68 19.40 -9.98
C VAL B 408 -1.61 20.94 -9.91
N ILE B 409 -0.61 21.50 -10.59
CA ILE B 409 -0.45 22.96 -10.64
C ILE B 409 -1.71 23.67 -11.15
N GLN B 410 -2.21 23.24 -12.30
CA GLN B 410 -3.40 23.83 -12.86
C GLN B 410 -4.60 23.78 -11.88
N ALA B 411 -4.82 22.63 -11.25
CA ALA B 411 -5.94 22.53 -10.31
C ALA B 411 -5.75 23.43 -9.09
N THR B 412 -4.57 23.36 -8.48
CA THR B 412 -4.35 24.13 -7.25
C THR B 412 -4.49 25.64 -7.54
N THR B 413 -3.90 26.09 -8.64
CA THR B 413 -4.06 27.48 -9.06
C THR B 413 -5.53 27.86 -9.21
N HIS B 414 -6.29 27.02 -9.92
CA HIS B 414 -7.71 27.31 -10.11
C HIS B 414 -8.47 27.45 -8.79
N PHE B 415 -8.31 26.47 -7.90
CA PHE B 415 -9.09 26.50 -6.67
C PHE B 415 -8.62 27.56 -5.68
N LEU B 416 -7.38 28.00 -5.82
CA LEU B 416 -6.88 29.08 -4.98
C LEU B 416 -7.56 30.41 -5.31
N GLN B 417 -8.30 30.45 -6.43
CA GLN B 417 -9.06 31.65 -6.79
C GLN B 417 -10.31 31.74 -5.94
N LYS B 418 -10.67 30.61 -5.34
CA LYS B 418 -11.85 30.54 -4.49
C LYS B 418 -11.38 30.67 -3.06
N PRO B 419 -12.22 31.24 -2.19
CA PRO B 419 -11.86 31.29 -0.78
C PRO B 419 -12.15 29.94 -0.11
N VAL B 420 -11.36 29.59 0.90
CA VAL B 420 -11.68 28.44 1.73
C VAL B 420 -13.11 28.62 2.25
N PRO B 421 -13.98 27.61 2.03
CA PRO B 421 -15.37 27.73 2.49
C PRO B 421 -15.45 28.16 3.95
N GLY B 422 -16.33 29.12 4.23
CA GLY B 422 -16.41 29.74 5.55
C GLY B 422 -15.52 30.96 5.62
N PHE B 423 -14.66 31.12 4.61
CA PHE B 423 -13.68 32.20 4.56
C PHE B 423 -12.56 32.00 5.58
ZN ZN C . -0.92 -5.40 -6.80
C1 FPP D . -2.61 -6.36 2.24
O1 FPP D . -2.91 -7.04 1.00
C2 FPP D . -2.58 -4.83 2.15
C3 FPP D . -3.64 -4.00 2.30
C4 FPP D . -5.02 -4.59 2.54
C5 FPP D . -3.52 -2.48 2.23
C6 FPP D . -2.90 -1.91 0.97
C7 FPP D . -3.20 -0.43 0.89
C8 FPP D . -2.90 0.32 -0.19
C10 FPP D . -2.21 -0.31 -1.37
C9 FPP D . -3.19 1.81 -0.18
C11 FPP D . -4.43 2.19 -0.95
C12 FPP D . -4.42 3.69 -1.16
C13 FPP D . -5.55 4.40 -1.14
C14 FPP D . -6.87 3.75 -0.91
C15 FPP D . -5.49 5.89 -1.35
PA FPP D . -2.27 -8.47 0.62
O1A FPP D . -1.86 -9.34 1.88
O2A FPP D . -3.33 -9.40 -0.47
O3A FPP D . -0.98 -8.05 -0.24
PB FPP D . 0.56 -8.28 0.23
O1B FPP D . 0.95 -9.79 0.35
O2B FPP D . 0.79 -7.39 1.71
O3B FPP D . 1.41 -7.56 -1.10
CAA ED7 E . -6.50 0.32 -3.30
CBA ED7 E . -7.94 -0.01 -3.70
CAL ED7 E . -8.60 0.77 -4.64
CAJ ED7 E . -9.91 0.47 -5.01
CAK ED7 E . -10.57 -0.61 -4.45
CAQ ED7 E . -9.92 -1.40 -3.51
CBF ED7 E . -8.60 -1.10 -3.15
SBJ ED7 E . -7.82 -2.11 -1.97
OAD ED7 E . -8.80 -3.16 -1.54
OAE ED7 E . -7.47 -1.25 -0.77
NBH ED7 E . -6.41 -2.77 -2.54
CAX ED7 E . -5.92 -3.75 -1.53
CBC ED7 E . -4.55 -4.25 -1.94
CAM ED7 E . -4.26 -5.60 -1.85
CAH ED7 E . -3.00 -6.05 -2.22
CAG ED7 E . -2.04 -5.16 -2.70
CAI ED7 E . -2.34 -3.81 -2.78
CAN ED7 E . -3.60 -3.35 -2.41
CAW ED7 E . -6.42 -3.30 -3.95
CAV ED7 E . -7.23 -4.57 -4.10
NBG ED7 E . -6.86 -5.28 -5.35
CBD ED7 E . -7.27 -4.88 -6.57
CAR ED7 E . -6.98 -5.66 -7.69
CAO ED7 E . -7.41 -5.28 -8.96
CBB ED7 E . -8.19 -4.13 -9.11
CAF ED7 E . -8.64 -3.74 -10.40
NAC ED7 E . -9.00 -3.38 -11.41
CAP ED7 E . -8.51 -3.36 -8.01
CAS ED7 E . -8.06 -3.73 -6.74
CAY ED7 E . -6.22 -6.59 -5.21
CBE ED7 E . -4.71 -6.58 -5.47
CAT ED7 E . -3.93 -5.58 -5.88
NAZ ED7 E . -2.67 -6.06 -5.97
CAU ED7 E . -2.67 -7.35 -5.64
NBI ED7 E . -3.93 -7.66 -5.35
CAB ED7 E . -4.43 -9.01 -4.93
#